data_5RLY
#
_entry.id   5RLY
#
_cell.length_a   59.151
_cell.length_b   70.144
_cell.length_c   85.263
_cell.angle_alpha   102.150
_cell.angle_beta   96.510
_cell.angle_gamma   112.540
#
_symmetry.space_group_name_H-M   'P 1'
#
loop_
_entity.id
_entity.type
_entity.pdbx_description
1 polymer Helicase
2 non-polymer 5-(1,3-thiazol-2-yl)-1H-1,2,4-triazole
3 non-polymer 'ZINC ION'
4 non-polymer 'PHOSPHATE ION'
5 water water
#
_entity_poly.entity_id   1
_entity_poly.type   'polypeptide(L)'
_entity_poly.pdbx_seq_one_letter_code
;AVGACVLCNSQTSLRCGACIRRPFLCCKCCYDHVISTSHKLVLSVNPYVCNAPGCDVTDVTQLYLGGMSYYCKSHKPPIS
FPLCANGQVFGLYKNTCVGSDNVTDFNAIATCDWTNAGDYILANTCTERLKLFAAETLKATEETFKLSYGIATVREVLSD
RELHLSWEVGKPRPPLNRNYVFTGYRVTKNSKVQIGEYTFEKGDYGDAVVYRGTTTYKLNVGDYFVLTSHTVMPLSAPTL
VPQEHYVRITGLYPTLNISDEFSSNVANYQKVGMQKYSTLQGPPGTGKSHFAIGLALYYPSARIVYTACSHAAVDALCEK
ALKYLPIDKCSRIIPARARVECFDKFKVNSTLEQYVFCTVNALPETTADIVVFDEISMATNYDLSVVNARLRAKHYVYIG
DPAQLPAPRTLLTKGTLEPEYFNSVCRLMKTIGPDMFLGTCRRCPAEIVDTVSALVYDNKLKAHKDKSAQCFKMFYKGVI
THDVSSAINRPQIGVVREFLTRNPAWRKAVFISPYNSQNAVASKILGLPTQTVDSSQGSEYDYVIFTQTTETAHSCNVNR
FNVAITRAKVGILCIMSDRDLYDKLQFTSLEIPRRNVATLQ
;
_entity_poly.pdbx_strand_id   A,B
#
# COMPACT_ATOMS: atom_id res chain seq x y z
N ALA A 1 -14.14 15.82 -14.77
CA ALA A 1 -14.92 16.59 -15.73
C ALA A 1 -14.49 18.07 -15.82
N VAL A 2 -14.24 18.71 -14.66
CA VAL A 2 -13.78 20.10 -14.65
C VAL A 2 -12.44 20.12 -13.94
N GLY A 3 -11.43 20.61 -14.65
CA GLY A 3 -10.09 20.69 -14.09
C GLY A 3 -9.27 21.87 -14.58
N ALA A 4 -7.92 21.74 -14.50
CA ALA A 4 -6.96 22.79 -14.86
C ALA A 4 -6.00 22.43 -16.01
N CYS A 5 -5.68 23.43 -16.86
CA CYS A 5 -4.82 23.32 -18.06
C CYS A 5 -3.39 22.83 -17.78
N VAL A 6 -3.00 21.67 -18.36
CA VAL A 6 -1.65 21.12 -18.22
C VAL A 6 -0.57 21.93 -18.95
N LEU A 7 -0.86 23.17 -19.39
CA LEU A 7 0.11 24.02 -20.08
C LEU A 7 0.14 25.45 -19.51
N CYS A 8 -1.00 25.96 -19.02
CA CYS A 8 -1.02 27.32 -18.47
C CYS A 8 -1.89 27.47 -17.19
N ASN A 9 -2.48 26.36 -16.68
CA ASN A 9 -3.25 26.22 -15.44
C ASN A 9 -4.66 26.80 -15.50
N SER A 10 -5.01 27.57 -16.58
CA SER A 10 -6.33 28.18 -16.77
C SER A 10 -7.41 27.09 -16.65
N GLN A 11 -8.43 27.31 -15.81
CA GLN A 11 -9.48 26.30 -15.63
C GLN A 11 -10.23 26.01 -16.94
N THR A 12 -10.67 24.75 -17.14
CA THR A 12 -11.42 24.39 -18.35
C THR A 12 -12.24 23.11 -18.22
N SER A 13 -13.28 23.04 -19.03
CA SER A 13 -14.10 21.86 -19.21
C SER A 13 -13.41 20.93 -20.28
N LEU A 14 -12.52 21.50 -21.15
CA LEU A 14 -11.83 20.80 -22.24
C LEU A 14 -10.65 19.92 -21.83
N ARG A 15 -10.63 18.72 -22.40
CA ARG A 15 -9.62 17.67 -22.29
C ARG A 15 -9.35 17.18 -23.73
N CYS A 16 -8.08 16.94 -24.14
CA CYS A 16 -7.86 16.40 -25.48
C CYS A 16 -8.23 14.92 -25.48
N GLY A 17 -9.29 14.61 -26.21
CA GLY A 17 -9.81 13.26 -26.32
C GLY A 17 -8.89 12.31 -27.08
N ALA A 18 -7.91 12.85 -27.85
CA ALA A 18 -6.99 12.03 -28.63
C ALA A 18 -5.62 11.74 -27.93
N CYS A 19 -5.35 12.47 -26.82
CA CYS A 19 -4.16 12.21 -26.03
C CYS A 19 -4.41 10.96 -25.22
N ILE A 20 -3.39 10.09 -25.12
CA ILE A 20 -3.48 8.82 -24.34
C ILE A 20 -3.76 9.14 -22.83
N ARG A 21 -3.37 10.33 -22.33
CA ARG A 21 -3.58 10.74 -20.96
C ARG A 21 -4.82 11.67 -20.76
N ARG A 22 -5.47 12.16 -21.87
CA ARG A 22 -6.63 13.09 -21.88
C ARG A 22 -6.39 14.34 -21.02
N PRO A 23 -5.31 15.09 -21.31
CA PRO A 23 -5.00 16.26 -20.48
C PRO A 23 -6.00 17.40 -20.59
N PHE A 24 -6.28 18.06 -19.44
CA PHE A 24 -7.13 19.23 -19.43
C PHE A 24 -6.35 20.37 -20.15
N LEU A 25 -6.97 20.95 -21.18
CA LEU A 25 -6.41 22.04 -21.97
C LEU A 25 -7.39 23.21 -21.97
N CYS A 26 -6.86 24.44 -21.79
CA CYS A 26 -7.71 25.62 -21.78
C CYS A 26 -8.12 26.02 -23.19
N CYS A 27 -9.18 26.82 -23.33
CA CYS A 27 -9.68 27.32 -24.62
C CYS A 27 -8.55 27.73 -25.62
N LYS A 28 -7.53 28.50 -25.15
CA LYS A 28 -6.42 28.95 -25.99
C LYS A 28 -5.45 27.82 -26.37
N CYS A 29 -5.01 27.01 -25.38
CA CYS A 29 -4.04 25.93 -25.60
C CYS A 29 -4.64 24.69 -26.29
N CYS A 30 -5.93 24.45 -26.05
CA CYS A 30 -6.63 23.35 -26.71
C CYS A 30 -6.70 23.60 -28.21
N TYR A 31 -6.93 24.85 -28.61
CA TYR A 31 -6.97 25.23 -30.00
C TYR A 31 -5.59 25.04 -30.62
N ASP A 32 -4.56 25.62 -30.00
CA ASP A 32 -3.17 25.57 -30.47
C ASP A 32 -2.63 24.14 -30.62
N HIS A 33 -3.29 23.19 -29.96
CA HIS A 33 -2.99 21.77 -30.02
C HIS A 33 -3.79 21.09 -31.16
N VAL A 34 -5.13 21.25 -31.19
CA VAL A 34 -5.96 20.62 -32.24
C VAL A 34 -5.60 21.09 -33.62
N ILE A 35 -5.19 22.37 -33.77
CA ILE A 35 -4.85 22.91 -35.08
C ILE A 35 -3.45 22.56 -35.55
N SER A 36 -2.62 21.94 -34.70
CA SER A 36 -1.25 21.62 -35.11
C SER A 36 -0.93 20.13 -35.11
N THR A 37 -1.87 19.27 -34.68
CA THR A 37 -1.69 17.81 -34.60
C THR A 37 -2.87 17.04 -35.23
N SER A 38 -2.75 15.69 -35.40
CA SER A 38 -3.85 14.84 -35.85
C SER A 38 -4.98 14.73 -34.78
N HIS A 39 -4.74 15.30 -33.58
CA HIS A 39 -5.64 15.27 -32.46
C HIS A 39 -6.76 16.29 -32.67
N LYS A 40 -7.94 15.81 -33.04
CA LYS A 40 -9.09 16.69 -33.26
C LYS A 40 -10.25 16.37 -32.33
N LEU A 41 -10.17 15.29 -31.50
CA LEU A 41 -11.26 15.00 -30.59
C LEU A 41 -11.08 15.83 -29.32
N VAL A 42 -12.11 16.65 -28.98
CA VAL A 42 -12.11 17.49 -27.77
C VAL A 42 -13.24 16.96 -26.84
N LEU A 43 -12.93 16.75 -25.55
CA LEU A 43 -13.89 16.23 -24.59
C LEU A 43 -14.23 17.32 -23.57
N SER A 44 -15.52 17.57 -23.34
CA SER A 44 -16.02 18.54 -22.34
C SER A 44 -16.93 17.67 -21.41
N VAL A 45 -18.10 18.18 -20.89
CA VAL A 45 -19.05 17.34 -20.12
C VAL A 45 -19.54 16.24 -21.09
N ASN A 46 -19.96 16.69 -22.28
CA ASN A 46 -20.32 15.90 -23.43
C ASN A 46 -19.13 16.04 -24.41
N PRO A 47 -18.83 15.00 -25.20
CA PRO A 47 -17.75 15.13 -26.18
C PRO A 47 -18.15 16.08 -27.31
N TYR A 48 -17.16 16.67 -27.96
CA TYR A 48 -17.41 17.56 -29.09
C TYR A 48 -17.55 16.74 -30.32
N VAL A 49 -18.78 16.29 -30.56
CA VAL A 49 -19.21 15.44 -31.65
C VAL A 49 -20.54 15.99 -32.25
N CYS A 50 -20.83 15.72 -33.55
CA CYS A 50 -22.06 16.18 -34.14
C CYS A 50 -23.25 15.43 -33.55
N ASN A 51 -24.13 16.21 -32.94
CA ASN A 51 -25.35 15.75 -32.27
C ASN A 51 -26.42 15.23 -33.21
N ALA A 52 -26.29 15.53 -34.52
CA ALA A 52 -27.22 15.08 -35.53
C ALA A 52 -27.17 13.56 -35.61
N PRO A 53 -28.35 12.92 -35.67
CA PRO A 53 -28.38 11.44 -35.67
C PRO A 53 -27.48 10.74 -36.68
N GLY A 54 -26.65 9.83 -36.20
CA GLY A 54 -25.77 9.02 -37.03
C GLY A 54 -24.70 9.78 -37.79
N CYS A 55 -24.42 11.04 -37.41
CA CYS A 55 -23.38 11.80 -38.07
C CYS A 55 -22.09 11.50 -37.40
N ASP A 56 -21.06 11.08 -38.17
CA ASP A 56 -19.77 10.72 -37.57
C ASP A 56 -18.72 11.85 -37.53
N VAL A 57 -19.14 13.13 -37.59
CA VAL A 57 -18.18 14.25 -37.49
C VAL A 57 -17.76 14.43 -36.04
N THR A 58 -16.44 14.21 -35.75
CA THR A 58 -15.80 14.32 -34.42
C THR A 58 -14.65 15.34 -34.37
N ASP A 59 -14.24 15.88 -35.55
CA ASP A 59 -13.16 16.87 -35.68
C ASP A 59 -13.67 18.21 -35.20
N VAL A 60 -13.07 18.76 -34.14
CA VAL A 60 -13.45 20.04 -33.50
C VAL A 60 -13.35 21.25 -34.47
N THR A 61 -12.46 21.18 -35.47
CA THR A 61 -12.30 22.25 -36.48
C THR A 61 -13.51 22.34 -37.41
N GLN A 62 -14.16 21.18 -37.67
CA GLN A 62 -15.34 21.05 -38.53
C GLN A 62 -16.64 21.09 -37.71
N LEU A 63 -16.62 21.60 -36.46
CA LEU A 63 -17.82 21.63 -35.62
C LEU A 63 -18.18 23.03 -35.13
N TYR A 64 -19.48 23.24 -34.81
CA TYR A 64 -20.08 24.52 -34.43
C TYR A 64 -21.04 24.36 -33.25
N LEU A 65 -21.28 25.45 -32.50
CA LEU A 65 -22.28 25.46 -31.43
C LEU A 65 -23.63 26.13 -31.91
N GLY A 66 -24.69 25.30 -32.01
CA GLY A 66 -26.03 25.73 -32.39
C GLY A 66 -27.00 25.56 -31.24
N GLY A 67 -27.35 26.66 -30.61
CA GLY A 67 -28.14 26.63 -29.40
C GLY A 67 -27.17 26.26 -28.29
N MET A 68 -27.46 25.19 -27.53
CA MET A 68 -26.53 24.69 -26.52
C MET A 68 -25.93 23.32 -26.92
N SER A 69 -25.99 22.98 -28.24
CA SER A 69 -25.56 21.70 -28.81
C SER A 69 -24.43 21.85 -29.88
N TYR A 70 -23.83 20.74 -30.33
CA TYR A 70 -22.75 20.80 -31.32
C TYR A 70 -23.13 20.04 -32.57
N TYR A 71 -22.87 20.64 -33.73
CA TYR A 71 -23.16 20.09 -35.08
C TYR A 71 -22.04 20.40 -36.05
N CYS A 72 -21.93 19.62 -37.15
CA CYS A 72 -20.92 19.87 -38.18
C CYS A 72 -21.42 20.94 -39.20
N LYS A 73 -20.69 21.15 -40.32
CA LYS A 73 -21.10 22.09 -41.36
C LYS A 73 -22.47 21.65 -41.97
N SER A 74 -22.66 20.33 -42.24
CA SER A 74 -23.87 19.73 -42.84
C SER A 74 -25.15 19.78 -41.97
N HIS A 75 -25.02 19.85 -40.63
CA HIS A 75 -26.18 19.85 -39.76
C HIS A 75 -26.33 21.08 -38.90
N LYS A 76 -25.39 22.05 -38.99
CA LYS A 76 -25.46 23.25 -38.15
C LYS A 76 -26.71 24.08 -38.44
N PRO A 77 -27.38 24.58 -37.37
CA PRO A 77 -28.54 25.45 -37.58
C PRO A 77 -28.12 26.84 -38.06
N PRO A 78 -29.03 27.66 -38.62
CA PRO A 78 -28.61 28.99 -39.12
C PRO A 78 -27.78 29.81 -38.12
N ILE A 79 -28.23 29.86 -36.86
CA ILE A 79 -27.50 30.59 -35.83
C ILE A 79 -26.49 29.64 -35.12
N SER A 80 -25.22 29.63 -35.63
CA SER A 80 -24.14 28.77 -35.13
C SER A 80 -22.73 29.38 -35.22
N PHE A 81 -21.92 29.09 -34.22
CA PHE A 81 -20.55 29.57 -34.08
C PHE A 81 -19.55 28.47 -34.34
N PRO A 82 -18.52 28.69 -35.19
CA PRO A 82 -17.47 27.67 -35.32
C PRO A 82 -16.74 27.49 -33.99
N LEU A 83 -16.69 26.23 -33.48
CA LEU A 83 -16.02 25.89 -32.20
C LEU A 83 -14.58 26.42 -32.20
N CYS A 84 -13.93 26.41 -33.38
CA CYS A 84 -12.59 26.95 -33.52
C CYS A 84 -12.60 28.32 -34.16
N ALA A 85 -12.45 29.35 -33.33
CA ALA A 85 -12.40 30.74 -33.80
C ALA A 85 -11.57 31.56 -32.84
N ASN A 86 -10.84 32.55 -33.38
CA ASN A 86 -10.03 33.49 -32.60
C ASN A 86 -8.99 32.83 -31.70
N GLY A 87 -8.40 31.75 -32.18
CA GLY A 87 -7.37 31.02 -31.45
C GLY A 87 -7.87 30.30 -30.22
N GLN A 88 -9.17 29.94 -30.22
CA GLN A 88 -9.78 29.28 -29.08
C GLN A 88 -10.75 28.19 -29.46
N VAL A 89 -10.77 27.13 -28.66
CA VAL A 89 -11.76 26.06 -28.75
C VAL A 89 -12.77 26.44 -27.68
N PHE A 90 -14.05 26.59 -28.05
CA PHE A 90 -15.09 26.98 -27.12
C PHE A 90 -15.22 25.98 -25.97
N GLY A 91 -15.32 26.49 -24.75
CA GLY A 91 -15.47 25.64 -23.58
C GLY A 91 -16.05 26.43 -22.43
N LEU A 92 -15.29 26.52 -21.35
CA LEU A 92 -15.68 27.28 -20.18
C LEU A 92 -14.49 28.06 -19.64
N TYR A 93 -14.78 29.22 -19.02
CA TYR A 93 -13.81 30.11 -18.36
C TYR A 93 -12.80 30.73 -19.34
N LYS A 94 -13.27 31.01 -20.57
CA LYS A 94 -12.47 31.60 -21.64
C LYS A 94 -11.93 32.97 -21.26
N VAL A 103 3.86 25.07 -25.95
CA VAL A 103 2.73 24.46 -26.66
C VAL A 103 3.19 23.69 -27.92
N THR A 104 4.20 24.20 -28.65
CA THR A 104 4.90 23.47 -29.73
C THR A 104 5.52 22.16 -29.11
N ASP A 105 6.11 22.30 -27.92
CA ASP A 105 6.71 21.20 -27.18
C ASP A 105 5.63 20.20 -26.68
N PHE A 106 4.48 20.71 -26.25
CA PHE A 106 3.38 19.87 -25.79
C PHE A 106 2.89 18.96 -26.94
N ASN A 107 2.87 19.49 -28.16
CA ASN A 107 2.42 18.74 -29.34
C ASN A 107 3.34 17.58 -29.65
N ALA A 108 4.64 17.79 -29.47
CA ALA A 108 5.60 16.75 -29.73
C ALA A 108 5.53 15.65 -28.66
N ILE A 109 5.27 16.01 -27.39
CA ILE A 109 5.10 15.02 -26.32
C ILE A 109 3.76 14.25 -26.50
N ALA A 110 2.72 14.94 -26.94
CA ALA A 110 1.40 14.35 -27.12
C ALA A 110 1.36 13.37 -28.28
N THR A 111 2.10 13.64 -29.36
CA THR A 111 2.03 12.85 -30.59
C THR A 111 3.19 11.86 -30.85
N CYS A 112 4.34 12.04 -30.17
CA CYS A 112 5.48 11.15 -30.37
C CYS A 112 5.23 9.69 -29.90
N ASP A 113 5.99 8.74 -30.49
CA ASP A 113 5.89 7.31 -30.16
C ASP A 113 6.92 6.83 -29.09
N TRP A 114 7.82 7.73 -28.64
CA TRP A 114 8.87 7.50 -27.64
C TRP A 114 9.94 6.53 -28.10
N THR A 115 10.18 6.42 -29.41
CA THR A 115 11.21 5.55 -29.94
C THR A 115 12.50 6.30 -30.30
N ASN A 116 12.44 7.65 -30.39
CA ASN A 116 13.59 8.51 -30.73
C ASN A 116 14.16 9.13 -29.45
N ALA A 117 15.46 9.45 -29.48
CA ALA A 117 16.12 10.08 -28.33
C ALA A 117 15.63 11.54 -28.14
N GLY A 118 15.33 12.23 -29.23
CA GLY A 118 14.84 13.60 -29.21
C GLY A 118 13.53 13.79 -28.44
N ASP A 119 12.80 12.67 -28.21
CA ASP A 119 11.53 12.57 -27.46
C ASP A 119 11.80 12.68 -25.96
N TYR A 120 12.86 12.00 -25.50
CA TYR A 120 13.28 12.02 -24.12
C TYR A 120 14.00 13.34 -23.81
N ILE A 121 14.75 13.89 -24.79
CA ILE A 121 15.42 15.19 -24.67
C ILE A 121 14.39 16.28 -24.39
N LEU A 122 13.31 16.26 -25.13
CA LEU A 122 12.22 17.21 -24.95
C LEU A 122 11.48 17.02 -23.60
N ALA A 123 11.20 15.76 -23.21
CA ALA A 123 10.55 15.42 -21.92
C ALA A 123 11.33 15.90 -20.66
N ASN A 124 12.52 16.50 -20.88
CA ASN A 124 13.44 16.98 -19.87
C ASN A 124 13.81 18.46 -20.01
N THR A 125 13.72 18.99 -21.23
CA THR A 125 14.00 20.40 -21.48
C THR A 125 12.72 21.28 -21.34
N CYS A 126 11.53 20.65 -21.34
CA CYS A 126 10.27 21.36 -21.24
C CYS A 126 10.00 21.99 -19.81
N THR A 127 8.85 22.69 -19.63
CA THR A 127 8.40 23.24 -18.34
C THR A 127 8.19 22.07 -17.36
N GLU A 128 8.03 22.38 -16.08
CA GLU A 128 7.79 21.37 -15.06
C GLU A 128 6.47 20.57 -15.29
N ARG A 129 5.36 21.25 -15.63
CA ARG A 129 4.10 20.55 -15.89
C ARG A 129 4.17 19.66 -17.15
N LEU A 130 5.04 20.02 -18.12
CA LEU A 130 5.21 19.18 -19.32
C LEU A 130 6.17 18.01 -19.11
N LYS A 131 7.01 18.08 -18.08
CA LYS A 131 7.85 16.97 -17.70
C LYS A 131 6.94 15.88 -17.10
N LEU A 132 5.91 16.27 -16.31
CA LEU A 132 4.99 15.30 -15.71
C LEU A 132 4.07 14.70 -16.74
N PHE A 133 3.57 15.51 -17.70
CA PHE A 133 2.72 15.05 -18.79
C PHE A 133 3.54 14.05 -19.64
N ALA A 134 4.83 14.40 -19.95
CA ALA A 134 5.73 13.53 -20.72
C ALA A 134 5.98 12.21 -20.02
N ALA A 135 6.24 12.25 -18.69
CA ALA A 135 6.48 11.06 -17.87
C ALA A 135 5.24 10.14 -17.81
N GLU A 136 4.05 10.75 -17.64
CA GLU A 136 2.73 10.10 -17.57
C GLU A 136 2.42 9.40 -18.92
N THR A 137 2.69 10.11 -20.05
CA THR A 137 2.43 9.69 -21.44
C THR A 137 3.37 8.55 -21.85
N LEU A 138 4.67 8.69 -21.51
CA LEU A 138 5.69 7.71 -21.79
C LEU A 138 5.40 6.42 -21.06
N LYS A 139 5.08 6.48 -19.76
CA LYS A 139 4.84 5.28 -18.98
C LYS A 139 3.61 4.54 -19.47
N ALA A 140 2.55 5.29 -19.82
CA ALA A 140 1.32 4.67 -20.33
C ALA A 140 1.59 4.00 -21.67
N THR A 141 2.44 4.64 -22.52
CA THR A 141 2.82 4.12 -23.83
C THR A 141 3.67 2.84 -23.66
N GLU A 142 4.61 2.86 -22.69
CA GLU A 142 5.48 1.73 -22.37
C GLU A 142 4.63 0.55 -21.90
N GLU A 143 3.56 0.81 -21.10
CA GLU A 143 2.65 -0.21 -20.57
C GLU A 143 1.72 -0.80 -21.63
N THR A 144 1.13 0.04 -22.52
CA THR A 144 0.30 -0.48 -23.62
C THR A 144 1.14 -1.28 -24.63
N PHE A 145 2.44 -0.95 -24.75
CA PHE A 145 3.31 -1.70 -25.62
C PHE A 145 3.51 -3.15 -25.10
N LYS A 146 3.41 -3.36 -23.77
CA LYS A 146 3.52 -4.68 -23.14
C LYS A 146 2.36 -5.61 -23.51
N LEU A 147 1.20 -5.03 -23.83
CA LEU A 147 0.03 -5.81 -24.28
C LEU A 147 0.26 -6.41 -25.70
N SER A 148 1.27 -5.88 -26.43
CA SER A 148 1.68 -6.22 -27.79
C SER A 148 2.91 -7.14 -27.87
N TYR A 149 2.80 -8.33 -27.28
CA TYR A 149 3.79 -9.41 -27.26
C TYR A 149 3.02 -10.76 -27.12
N GLY A 150 3.65 -11.88 -27.48
CA GLY A 150 2.96 -13.18 -27.45
C GLY A 150 3.01 -13.92 -26.12
N ILE A 151 1.92 -14.64 -25.79
CA ILE A 151 1.76 -15.44 -24.56
C ILE A 151 2.61 -16.74 -24.63
N ALA A 152 3.30 -17.11 -23.52
CA ALA A 152 4.12 -18.34 -23.47
C ALA A 152 3.44 -19.48 -22.69
N THR A 153 2.84 -20.45 -23.40
CA THR A 153 2.18 -21.59 -22.79
C THR A 153 3.19 -22.77 -22.71
N VAL A 154 3.49 -23.27 -21.48
CA VAL A 154 4.45 -24.35 -21.23
C VAL A 154 4.12 -25.63 -22.02
N ARG A 155 5.11 -26.17 -22.74
CA ARG A 155 4.96 -27.37 -23.53
C ARG A 155 5.51 -28.59 -22.74
N GLU A 156 6.60 -28.41 -21.94
CA GLU A 156 7.23 -29.44 -21.09
C GLU A 156 8.20 -28.88 -20.01
N VAL A 157 8.47 -29.66 -18.93
CA VAL A 157 9.38 -29.25 -17.83
C VAL A 157 10.56 -30.24 -17.73
N LEU A 158 11.80 -29.73 -17.76
CA LEU A 158 13.00 -30.57 -17.69
C LEU A 158 13.45 -30.81 -16.22
N SER A 159 13.72 -29.72 -15.49
CA SER A 159 14.19 -29.81 -14.12
C SER A 159 13.61 -28.64 -13.27
N ASP A 160 14.31 -28.21 -12.19
CA ASP A 160 13.96 -27.08 -11.31
C ASP A 160 14.52 -25.72 -11.80
N ARG A 161 15.37 -25.75 -12.83
CA ARG A 161 15.94 -24.58 -13.46
C ARG A 161 15.99 -24.79 -14.99
N GLU A 162 14.99 -25.49 -15.56
CA GLU A 162 14.88 -25.75 -17.00
C GLU A 162 13.47 -26.18 -17.47
N LEU A 163 13.01 -25.67 -18.64
CA LEU A 163 11.73 -26.01 -19.28
C LEU A 163 11.69 -25.63 -20.81
N HIS A 164 10.65 -26.08 -21.54
CA HIS A 164 10.47 -25.76 -22.97
C HIS A 164 9.14 -24.99 -23.15
N LEU A 165 9.13 -23.93 -23.99
CA LEU A 165 7.95 -23.09 -24.16
C LEU A 165 7.37 -23.03 -25.60
N SER A 166 6.05 -22.79 -25.69
CA SER A 166 5.27 -22.67 -26.92
C SER A 166 4.82 -21.21 -27.05
N TRP A 167 5.39 -20.48 -28.02
CA TRP A 167 5.08 -19.06 -28.20
C TRP A 167 3.96 -18.75 -29.16
N GLU A 168 3.20 -17.69 -28.85
CA GLU A 168 2.06 -17.25 -29.64
C GLU A 168 2.49 -16.80 -31.03
N VAL A 169 1.73 -17.24 -32.04
CA VAL A 169 1.97 -16.94 -33.44
C VAL A 169 1.39 -15.55 -33.78
N GLY A 170 2.03 -14.82 -34.68
CA GLY A 170 1.57 -13.50 -35.08
C GLY A 170 2.04 -12.35 -34.18
N LYS A 171 2.15 -12.62 -32.86
CA LYS A 171 2.62 -11.63 -31.87
C LYS A 171 4.09 -11.93 -31.57
N PRO A 172 4.93 -10.89 -31.51
CA PRO A 172 6.38 -11.10 -31.34
C PRO A 172 6.85 -11.76 -30.06
N ARG A 173 8.11 -12.23 -30.09
CA ARG A 173 8.75 -12.87 -28.95
C ARG A 173 9.61 -11.83 -28.23
N PRO A 174 9.27 -11.49 -26.97
CA PRO A 174 10.04 -10.48 -26.23
C PRO A 174 11.42 -10.96 -25.76
N PRO A 175 12.35 -10.03 -25.45
CA PRO A 175 13.70 -10.46 -25.02
C PRO A 175 13.72 -11.29 -23.73
N LEU A 176 14.58 -12.34 -23.68
CA LEU A 176 14.71 -13.17 -22.48
C LEU A 176 15.94 -12.83 -21.65
N ASN A 177 15.70 -12.04 -20.61
CA ASN A 177 16.68 -11.56 -19.64
C ASN A 177 15.94 -11.17 -18.34
N ARG A 178 16.66 -11.00 -17.22
CA ARG A 178 16.02 -10.56 -15.98
C ARG A 178 15.42 -9.12 -16.10
N ASN A 179 15.65 -8.43 -17.25
CA ASN A 179 15.17 -7.09 -17.60
C ASN A 179 13.71 -7.07 -18.09
N TYR A 180 13.08 -8.27 -18.27
CA TYR A 180 11.68 -8.43 -18.72
C TYR A 180 11.00 -9.47 -17.81
N VAL A 181 10.33 -9.03 -16.71
CA VAL A 181 9.71 -9.98 -15.78
C VAL A 181 8.28 -10.35 -16.18
N PHE A 182 8.08 -11.63 -16.46
CA PHE A 182 6.76 -12.15 -16.79
C PHE A 182 5.94 -12.38 -15.53
N THR A 183 4.65 -12.62 -15.71
CA THR A 183 3.76 -12.94 -14.60
C THR A 183 3.02 -14.20 -14.98
N GLY A 184 3.15 -15.22 -14.16
CA GLY A 184 2.55 -16.51 -14.41
C GLY A 184 1.15 -16.65 -13.85
N TYR A 185 0.33 -17.50 -14.49
CA TYR A 185 -1.07 -17.74 -14.14
C TYR A 185 -1.42 -19.22 -14.33
N GLN A 194 -2.38 -17.63 -11.12
CA GLN A 194 -1.59 -16.57 -10.49
C GLN A 194 -0.45 -17.16 -9.64
N ILE A 195 0.56 -17.75 -10.31
CA ILE A 195 1.67 -18.44 -9.64
C ILE A 195 2.98 -17.61 -9.54
N GLY A 196 2.86 -16.31 -9.33
CA GLY A 196 4.03 -15.45 -9.15
C GLY A 196 4.76 -15.03 -10.41
N GLU A 197 5.67 -14.05 -10.26
CA GLU A 197 6.45 -13.49 -11.36
C GLU A 197 7.57 -14.46 -11.79
N TYR A 198 7.84 -14.55 -13.09
CA TYR A 198 8.87 -15.47 -13.59
C TYR A 198 9.87 -14.77 -14.54
N THR A 199 11.10 -15.29 -14.60
CA THR A 199 12.19 -14.79 -15.47
C THR A 199 12.83 -15.95 -16.27
N PHE A 200 13.43 -15.68 -17.48
CA PHE A 200 14.02 -16.72 -18.35
C PHE A 200 15.43 -16.42 -18.93
N GLU A 201 16.25 -17.47 -19.11
CA GLU A 201 17.60 -17.37 -19.67
C GLU A 201 17.88 -18.51 -20.66
N LYS A 202 18.08 -18.17 -21.95
CA LYS A 202 18.33 -19.04 -23.13
C LYS A 202 18.80 -20.49 -22.83
N ASP A 207 17.91 -25.11 -27.15
CA ASP A 207 16.47 -25.12 -26.93
C ASP A 207 16.06 -25.21 -25.45
N ALA A 208 17.03 -25.40 -24.51
CA ALA A 208 16.76 -25.52 -23.08
C ALA A 208 16.85 -24.18 -22.31
N VAL A 209 15.68 -23.56 -22.03
CA VAL A 209 15.59 -22.29 -21.31
C VAL A 209 15.59 -22.49 -19.79
N VAL A 210 16.11 -21.51 -19.06
CA VAL A 210 16.18 -21.59 -17.60
C VAL A 210 15.02 -20.80 -16.98
N TYR A 211 14.14 -21.47 -16.20
CA TYR A 211 13.01 -20.77 -15.58
C TYR A 211 13.31 -20.35 -14.13
N ARG A 212 13.26 -19.05 -13.87
CA ARG A 212 13.54 -18.47 -12.56
C ARG A 212 12.30 -17.79 -11.98
N GLY A 213 11.49 -18.57 -11.28
CA GLY A 213 10.27 -18.06 -10.69
C GLY A 213 10.48 -17.57 -9.27
N THR A 214 9.84 -16.44 -8.93
CA THR A 214 9.92 -15.87 -7.59
C THR A 214 9.33 -16.85 -6.58
N THR A 215 8.21 -17.50 -6.94
CA THR A 215 7.59 -18.51 -6.10
C THR A 215 8.11 -19.90 -6.51
N THR A 216 8.42 -20.79 -5.55
CA THR A 216 8.90 -22.13 -5.92
C THR A 216 7.73 -23.05 -6.20
N TYR A 217 7.20 -22.94 -7.42
CA TYR A 217 6.07 -23.75 -7.84
C TYR A 217 6.53 -24.65 -8.97
N LYS A 218 6.33 -25.98 -8.78
CA LYS A 218 6.70 -27.03 -9.74
C LYS A 218 6.01 -26.74 -11.06
N LEU A 219 6.74 -26.10 -12.00
CA LEU A 219 6.28 -25.65 -13.32
C LEU A 219 5.19 -26.53 -13.93
N ASN A 220 3.98 -25.98 -14.07
CA ASN A 220 2.86 -26.73 -14.60
C ASN A 220 2.79 -26.60 -16.11
N VAL A 221 2.81 -27.74 -16.82
CA VAL A 221 2.70 -27.76 -18.27
C VAL A 221 1.31 -27.27 -18.66
N GLY A 222 1.25 -26.30 -19.56
CA GLY A 222 -0.02 -25.70 -19.95
C GLY A 222 -0.22 -24.35 -19.29
N ASP A 223 0.36 -24.13 -18.09
CA ASP A 223 0.25 -22.85 -17.42
C ASP A 223 0.97 -21.78 -18.25
N TYR A 224 0.41 -20.58 -18.31
CA TYR A 224 0.94 -19.54 -19.18
C TYR A 224 1.46 -18.27 -18.46
N PHE A 225 2.29 -17.49 -19.17
CA PHE A 225 2.87 -16.23 -18.68
C PHE A 225 2.36 -15.05 -19.49
N VAL A 226 2.38 -13.84 -18.90
CA VAL A 226 2.00 -12.58 -19.53
C VAL A 226 2.83 -11.44 -18.89
N LEU A 227 3.39 -10.51 -19.70
CA LEU A 227 4.15 -9.39 -19.14
C LEU A 227 3.18 -8.47 -18.43
N THR A 228 3.31 -8.38 -17.09
CA THR A 228 2.37 -7.63 -16.27
C THR A 228 2.43 -6.13 -16.44
N SER A 229 1.46 -5.58 -17.15
CA SER A 229 1.32 -4.16 -17.36
C SER A 229 0.49 -3.60 -16.19
N HIS A 230 0.96 -2.51 -15.57
CA HIS A 230 0.30 -1.84 -14.44
C HIS A 230 -0.35 -0.52 -14.88
N THR A 231 -1.40 -0.08 -14.15
CA THR A 231 -2.09 1.18 -14.40
C THR A 231 -1.09 2.32 -14.14
N VAL A 232 -0.97 3.27 -15.06
CA VAL A 232 -0.07 4.43 -14.87
C VAL A 232 -0.86 5.48 -14.18
N MET A 233 -0.47 5.80 -12.95
CA MET A 233 -1.18 6.80 -12.17
C MET A 233 -0.82 8.21 -12.58
N PRO A 234 -1.77 9.14 -12.48
CA PRO A 234 -1.45 10.53 -12.84
C PRO A 234 -0.42 11.15 -11.90
N LEU A 235 0.47 11.97 -12.44
CA LEU A 235 1.51 12.64 -11.67
C LEU A 235 0.98 14.00 -11.26
N SER A 236 1.22 14.37 -9.99
CA SER A 236 0.76 15.63 -9.43
C SER A 236 1.90 16.50 -8.96
N ALA A 237 2.81 15.91 -8.17
CA ALA A 237 3.94 16.62 -7.60
C ALA A 237 5.09 16.81 -8.61
N PRO A 238 5.86 17.92 -8.56
CA PRO A 238 6.96 18.10 -9.52
C PRO A 238 8.06 17.04 -9.42
N THR A 239 8.90 16.95 -10.45
CA THR A 239 10.06 16.04 -10.41
C THR A 239 11.04 16.54 -9.33
N LEU A 240 11.21 17.87 -9.27
CA LEU A 240 12.01 18.59 -8.31
C LEU A 240 11.16 19.70 -7.71
N VAL A 241 11.16 19.82 -6.38
CA VAL A 241 10.42 20.91 -5.75
C VAL A 241 11.17 22.25 -6.07
N PRO A 242 10.55 23.43 -5.90
CA PRO A 242 11.29 24.68 -6.17
C PRO A 242 12.41 24.80 -5.14
N GLN A 243 13.61 25.15 -5.60
CA GLN A 243 14.76 25.24 -4.73
C GLN A 243 14.65 26.38 -3.72
N GLU A 244 14.96 26.10 -2.45
CA GLU A 244 14.97 27.10 -1.40
C GLU A 244 16.37 27.17 -0.82
N HIS A 245 16.89 28.36 -0.60
CA HIS A 245 18.21 28.54 -0.01
C HIS A 245 18.04 29.18 1.34
N TYR A 246 18.70 28.65 2.36
CA TYR A 246 18.55 29.14 3.73
C TYR A 246 19.80 29.80 4.28
N VAL A 247 19.63 30.64 5.32
CA VAL A 247 20.75 31.33 5.98
C VAL A 247 21.41 30.44 7.04
N ARG A 248 20.65 29.53 7.63
CA ARG A 248 21.12 28.60 8.64
C ARG A 248 20.53 27.22 8.37
N ILE A 249 21.04 26.18 9.05
CA ILE A 249 20.51 24.81 8.96
C ILE A 249 19.08 24.82 9.50
N THR A 250 18.15 24.35 8.69
CA THR A 250 16.73 24.45 9.00
C THR A 250 16.07 23.12 9.38
N GLY A 251 15.44 23.08 10.57
CA GLY A 251 14.73 21.89 11.05
C GLY A 251 15.58 20.69 11.41
N LEU A 252 16.88 20.84 11.28
CA LEU A 252 17.82 19.79 11.58
C LEU A 252 18.75 20.28 12.67
N TYR A 253 19.13 19.37 13.58
CA TYR A 253 20.01 19.76 14.68
C TYR A 253 21.33 18.95 14.66
N PRO A 254 22.44 19.63 14.28
CA PRO A 254 23.74 18.93 14.17
C PRO A 254 24.46 18.59 15.47
N THR A 255 25.28 17.51 15.48
CA THR A 255 26.12 17.23 16.65
C THR A 255 27.44 17.99 16.46
N LEU A 256 28.06 18.36 17.56
CA LEU A 256 29.41 18.92 17.52
C LEU A 256 30.44 17.77 17.66
N ASN A 257 30.04 16.70 18.37
CA ASN A 257 30.70 15.42 18.53
C ASN A 257 30.28 14.65 17.29
N ILE A 258 30.95 14.86 16.16
CA ILE A 258 30.65 14.15 14.93
C ILE A 258 31.85 13.28 14.56
N SER A 259 31.70 11.92 14.65
CA SER A 259 32.74 10.91 14.38
C SER A 259 33.79 11.31 13.31
N ASP A 260 35.09 11.16 13.61
CA ASP A 260 36.16 11.52 12.66
C ASP A 260 36.05 10.84 11.30
N GLU A 261 35.36 9.70 11.26
CA GLU A 261 35.13 8.97 9.99
C GLU A 261 34.28 9.83 9.05
N PHE A 262 33.36 10.61 9.62
CA PHE A 262 32.46 11.50 8.86
C PHE A 262 32.81 12.98 8.92
N SER A 263 34.08 13.28 9.19
CA SER A 263 34.56 14.65 9.27
C SER A 263 34.77 15.26 7.89
N SER A 264 34.98 14.41 6.90
CA SER A 264 35.24 14.89 5.51
C SER A 264 33.96 15.48 4.92
N ASN A 265 32.80 15.02 5.40
CA ASN A 265 31.54 15.46 4.83
C ASN A 265 30.81 16.49 5.69
N VAL A 266 31.40 17.00 6.78
CA VAL A 266 30.73 17.98 7.64
C VAL A 266 30.22 19.22 6.88
N ALA A 267 31.10 19.80 6.04
CA ALA A 267 30.75 20.98 5.25
C ALA A 267 29.55 20.68 4.32
N ASN A 268 29.57 19.52 3.60
CA ASN A 268 28.49 19.13 2.70
C ASN A 268 27.19 18.78 3.48
N TYR A 269 27.30 18.20 4.70
CA TYR A 269 26.12 17.95 5.56
C TYR A 269 25.48 19.26 5.98
N GLN A 270 26.27 20.35 6.11
CA GLN A 270 25.76 21.66 6.42
C GLN A 270 25.07 22.28 5.21
N LYS A 271 25.63 22.11 3.99
CA LYS A 271 24.97 22.55 2.73
C LYS A 271 23.58 21.88 2.62
N VAL A 272 23.47 20.60 3.04
CA VAL A 272 22.21 19.82 3.04
C VAL A 272 21.10 20.49 3.89
N GLY A 273 21.45 21.06 5.05
CA GLY A 273 20.51 21.77 5.93
C GLY A 273 20.23 23.21 5.51
N MET A 274 21.05 23.75 4.60
CA MET A 274 20.92 25.13 4.14
C MET A 274 20.38 25.29 2.73
N GLN A 275 19.61 24.28 2.26
CA GLN A 275 18.96 24.19 0.95
C GLN A 275 17.74 23.24 1.03
N LYS A 276 16.68 23.45 0.22
CA LYS A 276 15.53 22.54 0.21
C LYS A 276 16.00 21.19 -0.34
N TYR A 277 16.72 21.20 -1.45
CA TYR A 277 17.27 19.98 -2.04
C TYR A 277 18.73 20.18 -2.41
N SER A 278 19.46 19.08 -2.48
CA SER A 278 20.88 19.12 -2.88
C SER A 278 21.27 17.91 -3.72
N THR A 279 22.18 18.12 -4.68
CA THR A 279 22.64 17.05 -5.56
C THR A 279 24.10 16.65 -5.23
N LEU A 280 24.31 15.34 -5.09
CA LEU A 280 25.63 14.81 -4.84
C LEU A 280 26.07 13.90 -6.00
N GLN A 281 27.12 14.31 -6.73
CA GLN A 281 27.69 13.44 -7.78
C GLN A 281 28.80 12.65 -7.12
N GLY A 282 28.53 11.37 -6.92
CA GLY A 282 29.51 10.46 -6.35
C GLY A 282 29.96 9.41 -7.34
N PRO A 283 31.11 9.64 -8.02
CA PRO A 283 31.70 8.60 -8.87
C PRO A 283 31.89 7.26 -8.15
N PRO A 284 32.33 6.15 -8.83
CA PRO A 284 32.45 4.86 -8.13
C PRO A 284 33.42 4.88 -6.93
N GLY A 285 32.96 4.38 -5.79
CA GLY A 285 33.83 4.26 -4.60
C GLY A 285 34.32 5.58 -4.05
N THR A 286 33.48 6.62 -4.07
CA THR A 286 33.90 7.96 -3.60
C THR A 286 33.23 8.22 -2.25
N GLY A 287 32.36 7.31 -1.82
CA GLY A 287 31.75 7.45 -0.49
C GLY A 287 30.32 7.93 -0.58
N LYS A 288 29.50 7.32 -1.45
CA LYS A 288 28.10 7.72 -1.50
C LYS A 288 27.32 7.17 -0.30
N SER A 289 27.34 5.85 -0.05
CA SER A 289 26.62 5.32 1.10
C SER A 289 27.20 5.83 2.41
N HIS A 290 28.49 6.15 2.41
CA HIS A 290 29.14 6.72 3.61
C HIS A 290 28.50 8.07 3.86
N PHE A 291 28.48 8.92 2.83
CA PHE A 291 27.84 10.21 2.93
C PHE A 291 26.39 10.06 3.39
N ALA A 292 25.60 9.20 2.77
CA ALA A 292 24.20 9.00 3.13
C ALA A 292 23.99 8.56 4.60
N ILE A 293 24.76 7.57 5.09
CA ILE A 293 24.58 7.09 6.46
C ILE A 293 25.16 8.09 7.46
N GLY A 294 26.24 8.78 7.11
CA GLY A 294 26.87 9.81 7.93
C GLY A 294 26.04 11.07 8.11
N LEU A 295 25.09 11.28 7.23
CA LEU A 295 24.16 12.38 7.33
C LEU A 295 23.26 12.14 8.57
N ALA A 296 22.88 10.86 8.85
CA ALA A 296 22.08 10.45 10.00
C ALA A 296 22.81 10.60 11.31
N LEU A 297 24.14 10.41 11.30
CA LEU A 297 24.98 10.61 12.49
C LEU A 297 25.28 12.12 12.72
N TYR A 298 25.11 12.96 11.69
CA TYR A 298 25.32 14.37 11.81
C TYR A 298 24.05 15.07 12.30
N TYR A 299 22.88 14.65 11.85
CA TYR A 299 21.60 15.17 12.34
C TYR A 299 20.96 13.96 12.99
N PRO A 300 21.35 13.66 14.24
CA PRO A 300 20.93 12.39 14.84
C PRO A 300 19.48 12.31 15.31
N SER A 301 18.87 13.47 15.53
CA SER A 301 17.47 13.62 15.91
C SER A 301 16.54 13.40 14.68
N ALA A 302 17.03 13.83 13.48
CA ALA A 302 16.36 13.81 12.20
C ALA A 302 15.91 12.43 11.70
N ARG A 303 14.66 12.38 11.24
CA ARG A 303 14.04 11.20 10.65
C ARG A 303 14.44 11.15 9.15
N ILE A 304 15.01 10.01 8.72
CA ILE A 304 15.48 9.90 7.34
C ILE A 304 14.84 8.71 6.61
N VAL A 305 14.23 9.01 5.49
CA VAL A 305 13.67 8.01 4.62
C VAL A 305 14.69 7.83 3.48
N TYR A 306 15.23 6.62 3.36
CA TYR A 306 16.22 6.24 2.35
C TYR A 306 15.50 5.53 1.24
N THR A 307 15.63 6.08 0.02
CA THR A 307 14.94 5.56 -1.14
C THR A 307 15.89 5.39 -2.32
N ALA A 308 15.52 4.48 -3.19
CA ALA A 308 16.15 4.13 -4.45
C ALA A 308 15.12 3.37 -5.32
N CYS A 309 15.37 3.24 -6.64
CA CYS A 309 14.41 2.53 -7.51
C CYS A 309 14.48 1.03 -7.29
N SER A 310 15.71 0.47 -7.23
CA SER A 310 15.93 -0.96 -7.08
C SER A 310 16.02 -1.44 -5.63
N HIS A 311 15.66 -2.71 -5.42
CA HIS A 311 15.78 -3.32 -4.10
C HIS A 311 17.25 -3.45 -3.71
N ALA A 312 18.15 -3.73 -4.68
CA ALA A 312 19.58 -3.84 -4.44
C ALA A 312 20.19 -2.53 -3.91
N ALA A 313 19.68 -1.37 -4.36
CA ALA A 313 20.19 -0.08 -3.89
C ALA A 313 19.62 0.29 -2.52
N VAL A 314 18.37 -0.10 -2.23
CA VAL A 314 17.79 0.16 -0.91
C VAL A 314 18.48 -0.75 0.14
N ASP A 315 18.90 -1.97 -0.28
CA ASP A 315 19.64 -3.00 0.50
C ASP A 315 21.09 -2.60 0.74
N ALA A 316 21.74 -1.97 -0.25
CA ALA A 316 23.08 -1.45 -0.09
C ALA A 316 23.07 -0.33 0.97
N LEU A 317 21.98 0.49 1.04
CA LEU A 317 21.88 1.52 2.08
C LEU A 317 21.62 0.90 3.46
N CYS A 318 20.87 -0.21 3.48
CA CYS A 318 20.57 -0.99 4.68
C CYS A 318 21.85 -1.58 5.29
N GLU A 319 22.74 -2.18 4.43
CA GLU A 319 24.00 -2.79 4.89
C GLU A 319 24.94 -1.76 5.51
N LYS A 320 24.93 -0.53 5.00
CA LYS A 320 25.77 0.55 5.60
C LYS A 320 25.12 1.01 6.89
N ALA A 321 23.80 1.13 6.90
CA ALA A 321 23.07 1.57 8.11
C ALA A 321 23.20 0.57 9.27
N LEU A 322 23.26 -0.72 8.95
CA LEU A 322 23.38 -1.80 9.92
C LEU A 322 24.68 -1.63 10.76
N LYS A 323 25.73 -1.15 10.09
CA LYS A 323 27.04 -0.89 10.65
C LYS A 323 27.07 0.36 11.56
N TYR A 324 26.47 1.49 11.14
CA TYR A 324 26.59 2.74 11.89
C TYR A 324 25.38 3.25 12.67
N LEU A 325 24.18 2.79 12.33
CA LEU A 325 22.95 3.28 12.96
C LEU A 325 22.23 2.21 13.81
N PRO A 326 21.53 2.65 14.89
CA PRO A 326 20.81 1.68 15.75
C PRO A 326 19.78 0.82 15.03
N ILE A 327 19.95 -0.51 15.06
CA ILE A 327 19.08 -1.47 14.38
C ILE A 327 17.59 -1.40 14.79
N ASP A 328 17.26 -0.89 15.99
CA ASP A 328 15.86 -0.80 16.41
C ASP A 328 15.11 0.29 15.66
N LYS A 329 15.76 1.44 15.45
CA LYS A 329 15.14 2.56 14.75
C LYS A 329 15.16 2.45 13.23
N CYS A 330 15.54 1.27 12.70
CA CYS A 330 15.55 1.01 11.28
C CYS A 330 14.43 0.06 10.85
N SER A 331 13.85 0.38 9.70
CA SER A 331 12.80 -0.43 9.14
C SER A 331 12.98 -0.62 7.66
N ARG A 332 12.90 -1.87 7.19
CA ARG A 332 12.98 -2.15 5.78
C ARG A 332 11.52 -2.36 5.25
N ILE A 333 11.02 -1.45 4.38
CA ILE A 333 9.65 -1.55 3.84
C ILE A 333 9.65 -2.48 2.64
N ILE A 334 8.84 -3.54 2.73
CA ILE A 334 8.74 -4.58 1.73
C ILE A 334 7.32 -4.64 1.16
N PRO A 335 7.18 -4.45 -0.18
CA PRO A 335 5.84 -4.51 -0.79
C PRO A 335 5.20 -5.88 -0.64
N ALA A 336 3.90 -5.88 -0.26
CA ALA A 336 3.09 -7.08 -0.04
C ALA A 336 3.20 -8.09 -1.18
N ARG A 337 3.28 -7.62 -2.44
CA ARG A 337 3.46 -8.51 -3.61
C ARG A 337 4.96 -8.83 -3.75
N ALA A 338 5.53 -9.53 -2.74
CA ALA A 338 6.94 -9.92 -2.60
C ALA A 338 7.53 -10.56 -3.85
N ARG A 339 8.33 -9.78 -4.58
CA ARG A 339 8.94 -10.21 -5.84
C ARG A 339 10.31 -10.91 -5.57
N VAL A 340 11.42 -10.17 -5.36
CA VAL A 340 12.71 -10.81 -5.07
C VAL A 340 13.16 -10.58 -3.63
N GLU A 341 13.94 -11.54 -3.10
CA GLU A 341 14.55 -11.57 -1.78
C GLU A 341 15.36 -10.30 -1.58
N CYS A 342 15.26 -9.69 -0.40
CA CYS A 342 15.98 -8.45 -0.14
C CYS A 342 16.67 -8.40 1.28
N PHE A 343 16.50 -7.31 2.05
CA PHE A 343 17.15 -7.15 3.35
C PHE A 343 16.28 -7.69 4.47
N ASP A 344 16.87 -8.59 5.30
CA ASP A 344 16.25 -9.33 6.42
C ASP A 344 16.69 -8.91 7.85
N LYS A 345 17.49 -7.84 8.03
CA LYS A 345 18.01 -7.50 9.37
C LYS A 345 17.27 -6.37 10.09
N PHE A 346 16.36 -5.66 9.42
CA PHE A 346 15.58 -4.60 10.08
C PHE A 346 14.16 -5.07 10.36
N LYS A 347 13.41 -4.38 11.25
CA LYS A 347 12.00 -4.73 11.46
C LYS A 347 11.25 -4.37 10.17
N VAL A 348 10.45 -5.30 9.64
CA VAL A 348 9.79 -5.10 8.34
C VAL A 348 8.41 -4.39 8.46
N ASN A 349 8.22 -3.37 7.60
CA ASN A 349 7.01 -2.58 7.36
C ASN A 349 6.59 -1.67 8.52
N SER A 350 7.53 -1.32 9.42
CA SER A 350 7.23 -0.36 10.48
C SER A 350 7.50 1.01 9.88
N THR A 351 6.45 1.64 9.33
CA THR A 351 6.49 2.93 8.65
C THR A 351 6.97 4.11 9.55
N LEU A 352 6.78 4.01 10.86
CA LEU A 352 7.12 5.09 11.79
C LEU A 352 8.55 5.14 12.31
N GLU A 353 9.37 4.10 12.05
CA GLU A 353 10.76 4.07 12.57
C GLU A 353 11.56 5.26 12.08
N GLN A 354 12.46 5.79 12.92
CA GLN A 354 13.26 6.97 12.58
C GLN A 354 13.98 6.85 11.24
N TYR A 355 14.45 5.64 10.91
CA TYR A 355 15.13 5.34 9.66
C TYR A 355 14.33 4.35 8.84
N VAL A 356 13.78 4.81 7.71
CA VAL A 356 12.96 3.95 6.87
C VAL A 356 13.64 3.75 5.56
N PHE A 357 13.82 2.50 5.16
CA PHE A 357 14.50 2.15 3.92
C PHE A 357 13.45 1.52 3.04
N CYS A 358 13.12 2.16 1.90
CA CYS A 358 12.06 1.68 1.01
C CYS A 358 12.26 2.05 -0.47
N THR A 359 11.88 1.12 -1.39
CA THR A 359 11.97 1.43 -2.83
C THR A 359 10.91 2.50 -3.22
N VAL A 360 11.14 3.28 -4.28
CA VAL A 360 10.19 4.32 -4.71
C VAL A 360 8.76 3.77 -4.91
N ASN A 361 8.58 2.58 -5.56
CA ASN A 361 7.21 2.01 -5.78
C ASN A 361 6.49 1.57 -4.51
N ALA A 362 7.24 1.26 -3.44
CA ALA A 362 6.64 0.83 -2.16
C ALA A 362 6.57 1.95 -1.10
N LEU A 363 6.95 3.19 -1.46
CA LEU A 363 6.94 4.31 -0.54
C LEU A 363 5.57 4.58 0.00
N PRO A 364 5.48 4.74 1.32
CA PRO A 364 4.19 5.09 1.92
C PRO A 364 3.97 6.60 1.94
N GLU A 365 2.75 7.01 2.31
CA GLU A 365 2.40 8.42 2.38
C GLU A 365 2.78 8.92 3.73
N THR A 366 3.98 9.48 3.84
CA THR A 366 4.53 9.95 5.11
C THR A 366 5.35 11.26 4.95
N THR A 367 6.00 11.72 6.03
CA THR A 367 6.84 12.91 6.05
C THR A 367 8.20 12.56 6.66
N ALA A 368 9.22 13.39 6.40
CA ALA A 368 10.56 13.16 6.93
C ALA A 368 11.33 14.48 7.15
N ASP A 369 12.37 14.47 7.99
CA ASP A 369 13.21 15.66 8.19
C ASP A 369 14.21 15.75 7.00
N ILE A 370 14.70 14.58 6.51
CA ILE A 370 15.55 14.44 5.31
C ILE A 370 15.09 13.21 4.52
N VAL A 371 15.13 13.33 3.20
CA VAL A 371 14.86 12.18 2.34
C VAL A 371 16.11 12.03 1.47
N VAL A 372 16.74 10.86 1.52
CA VAL A 372 17.90 10.57 0.71
C VAL A 372 17.39 9.67 -0.44
N PHE A 373 17.70 10.04 -1.69
CA PHE A 373 17.32 9.26 -2.88
C PHE A 373 18.64 8.96 -3.56
N ASP A 374 19.07 7.69 -3.47
CA ASP A 374 20.34 7.20 -4.02
C ASP A 374 20.13 6.56 -5.40
N GLU A 375 21.24 6.37 -6.14
CA GLU A 375 21.33 5.81 -7.49
C GLU A 375 20.43 6.64 -8.39
N ILE A 376 20.65 7.99 -8.36
CA ILE A 376 19.81 8.97 -9.04
C ILE A 376 19.87 8.82 -10.55
N SER A 377 20.97 8.30 -11.16
CA SER A 377 20.96 8.06 -12.61
C SER A 377 19.92 6.97 -13.01
N MET A 378 19.56 6.04 -12.10
CA MET A 378 18.56 5.04 -12.39
C MET A 378 17.11 5.55 -12.28
N ALA A 379 16.90 6.73 -11.73
CA ALA A 379 15.55 7.27 -11.60
C ALA A 379 15.07 7.84 -12.91
N THR A 380 13.75 7.82 -13.11
CA THR A 380 13.09 8.48 -14.24
C THR A 380 12.39 9.71 -13.64
N ASN A 381 11.86 10.60 -14.49
CA ASN A 381 11.09 11.73 -13.99
C ASN A 381 9.77 11.24 -13.33
N TYR A 382 9.26 10.06 -13.75
CA TYR A 382 8.10 9.47 -13.13
C TYR A 382 8.41 9.14 -11.65
N ASP A 383 9.58 8.55 -11.39
CA ASP A 383 10.05 8.21 -10.05
C ASP A 383 10.26 9.45 -9.17
N LEU A 384 10.89 10.51 -9.75
CA LEU A 384 11.12 11.78 -9.08
C LEU A 384 9.79 12.39 -8.60
N SER A 385 8.76 12.36 -9.44
CA SER A 385 7.46 12.92 -9.10
C SER A 385 6.76 12.09 -7.99
N VAL A 386 6.82 10.74 -8.07
CA VAL A 386 6.25 9.82 -7.07
C VAL A 386 6.88 10.08 -5.71
N VAL A 387 8.19 10.29 -5.68
CA VAL A 387 8.90 10.60 -4.44
C VAL A 387 8.36 11.91 -3.82
N ASN A 388 8.25 13.01 -4.62
CA ASN A 388 7.72 14.28 -4.10
C ASN A 388 6.22 14.20 -3.74
N ALA A 389 5.49 13.23 -4.30
CA ALA A 389 4.09 13.03 -4.04
C ALA A 389 3.84 12.20 -2.75
N ARG A 390 4.74 11.24 -2.43
CA ARG A 390 4.54 10.37 -1.27
C ARG A 390 5.27 10.84 0.01
N LEU A 391 6.36 11.58 -0.15
CA LEU A 391 7.16 12.07 0.96
C LEU A 391 7.22 13.60 1.02
N ARG A 392 6.74 14.19 2.12
CA ARG A 392 6.83 15.62 2.32
C ARG A 392 7.99 15.87 3.30
N ALA A 393 9.15 16.36 2.81
CA ALA A 393 10.36 16.51 3.63
C ALA A 393 10.94 17.93 3.76
N LYS A 394 11.64 18.19 4.89
CA LYS A 394 12.31 19.47 5.10
C LYS A 394 13.46 19.64 4.09
N HIS A 395 14.18 18.52 3.85
CA HIS A 395 15.32 18.44 2.94
C HIS A 395 15.28 17.20 2.06
N TYR A 396 15.78 17.31 0.83
CA TYR A 396 15.83 16.21 -0.12
C TYR A 396 17.27 16.12 -0.65
N VAL A 397 17.86 14.93 -0.60
CA VAL A 397 19.23 14.75 -1.08
C VAL A 397 19.23 13.72 -2.18
N TYR A 398 19.77 14.08 -3.36
CA TYR A 398 19.83 13.20 -4.51
C TYR A 398 21.25 12.78 -4.71
N ILE A 399 21.53 11.52 -4.47
CA ILE A 399 22.86 10.94 -4.59
C ILE A 399 22.91 9.99 -5.80
N GLY A 400 23.98 10.10 -6.55
CA GLY A 400 24.18 9.26 -7.71
C GLY A 400 25.29 9.77 -8.58
N ASP A 401 25.29 9.32 -9.84
CA ASP A 401 26.33 9.73 -10.76
C ASP A 401 25.77 9.70 -12.19
N PRO A 402 25.69 10.87 -12.85
CA PRO A 402 25.20 10.90 -14.24
C PRO A 402 26.15 10.24 -15.24
N ALA A 403 27.34 9.80 -14.80
CA ALA A 403 28.33 9.04 -15.57
C ALA A 403 28.14 7.50 -15.40
N GLN A 404 27.09 7.08 -14.68
CA GLN A 404 26.73 5.71 -14.51
C GLN A 404 25.44 5.40 -15.31
N LEU A 405 25.02 4.14 -15.33
CA LEU A 405 23.90 3.71 -16.15
C LEU A 405 22.54 4.23 -15.73
N PRO A 406 21.73 4.65 -16.73
CA PRO A 406 20.38 5.13 -16.44
C PRO A 406 19.37 3.98 -16.44
N ALA A 407 18.08 4.28 -16.19
CA ALA A 407 17.04 3.28 -16.29
C ALA A 407 16.90 2.91 -17.78
N PRO A 408 16.68 1.61 -18.09
CA PRO A 408 16.47 1.25 -19.49
C PRO A 408 15.11 1.78 -19.98
N ARG A 409 15.12 2.39 -21.16
CA ARG A 409 13.93 2.93 -21.78
C ARG A 409 13.58 1.92 -22.86
N THR A 410 12.61 1.02 -22.55
CA THR A 410 12.23 -0.07 -23.45
C THR A 410 11.81 0.36 -24.84
N LEU A 411 11.11 1.49 -25.01
CA LEU A 411 10.67 1.92 -26.33
C LEU A 411 11.74 2.63 -27.14
N LEU A 412 12.80 3.14 -26.51
CA LEU A 412 13.85 3.85 -27.23
C LEU A 412 14.80 2.95 -28.03
N THR A 413 14.77 3.12 -29.37
CA THR A 413 15.61 2.36 -30.30
C THR A 413 16.45 3.26 -31.20
N LYS A 414 16.07 4.54 -31.39
CA LYS A 414 16.82 5.43 -32.27
C LYS A 414 17.51 6.56 -31.53
N GLY A 415 18.83 6.50 -31.49
CA GLY A 415 19.65 7.50 -30.84
C GLY A 415 20.04 7.06 -29.45
N THR A 416 21.09 7.67 -28.93
CA THR A 416 21.57 7.36 -27.59
C THR A 416 21.16 8.50 -26.64
N LEU A 417 20.58 8.14 -25.49
CA LEU A 417 20.16 9.09 -24.44
C LEU A 417 21.35 9.62 -23.62
N GLU A 418 21.69 10.92 -23.74
CA GLU A 418 22.81 11.51 -23.00
C GLU A 418 22.49 11.77 -21.49
N PRO A 419 23.52 11.77 -20.59
CA PRO A 419 23.28 11.92 -19.13
C PRO A 419 22.42 13.09 -18.67
N GLU A 420 22.59 14.27 -19.28
CA GLU A 420 21.75 15.40 -18.94
C GLU A 420 20.27 15.17 -19.23
N TYR A 421 19.91 14.05 -19.86
CA TYR A 421 18.52 13.76 -20.18
C TYR A 421 17.95 12.52 -19.44
N PHE A 422 18.68 11.98 -18.43
CA PHE A 422 18.20 10.80 -17.71
C PHE A 422 17.00 11.18 -16.87
N ASN A 423 17.13 12.27 -16.11
CA ASN A 423 16.08 12.84 -15.27
C ASN A 423 16.42 14.31 -14.96
N SER A 424 15.55 14.99 -14.18
CA SER A 424 15.74 16.41 -13.85
C SER A 424 16.98 16.64 -13.03
N VAL A 425 17.30 15.69 -12.14
CA VAL A 425 18.46 15.77 -11.24
C VAL A 425 19.75 15.66 -12.05
N CYS A 426 19.80 14.69 -12.96
CA CYS A 426 20.96 14.47 -13.84
C CYS A 426 21.17 15.61 -14.80
N ARG A 427 20.05 16.24 -15.24
CA ARG A 427 20.08 17.43 -16.06
C ARG A 427 20.79 18.55 -15.29
N LEU A 428 20.44 18.73 -14.01
CA LEU A 428 21.10 19.71 -13.18
C LEU A 428 22.59 19.42 -13.01
N MET A 429 22.95 18.17 -12.65
CA MET A 429 24.36 17.77 -12.46
C MET A 429 25.25 17.93 -13.70
N LYS A 430 24.65 17.89 -14.89
CA LYS A 430 25.43 18.03 -16.12
C LYS A 430 25.42 19.47 -16.67
N THR A 431 24.42 20.28 -16.30
CA THR A 431 24.33 21.65 -16.77
C THR A 431 24.97 22.65 -15.76
N ILE A 432 24.39 22.77 -14.55
CA ILE A 432 24.94 23.70 -13.54
C ILE A 432 26.00 23.05 -12.60
N GLY A 433 26.23 21.75 -12.77
CA GLY A 433 27.12 21.00 -11.91
C GLY A 433 26.39 20.54 -10.65
N PRO A 434 26.93 19.52 -9.97
CA PRO A 434 26.28 19.06 -8.74
C PRO A 434 26.62 19.99 -7.56
N ASP A 435 25.74 20.07 -6.55
CA ASP A 435 26.01 20.91 -5.37
C ASP A 435 27.27 20.42 -4.65
N MET A 436 27.39 19.09 -4.53
CA MET A 436 28.49 18.42 -3.85
C MET A 436 29.08 17.35 -4.76
N PHE A 437 30.40 17.20 -4.76
CA PHE A 437 31.10 16.20 -5.59
C PHE A 437 32.15 15.45 -4.78
N LEU A 438 31.99 14.11 -4.61
CA LEU A 438 32.95 13.26 -3.92
C LEU A 438 34.08 12.97 -4.96
N GLY A 439 35.22 13.63 -4.80
CA GLY A 439 36.31 13.56 -5.77
C GLY A 439 37.42 12.54 -5.59
N THR A 440 37.46 11.80 -4.46
CA THR A 440 38.53 10.79 -4.31
C THR A 440 37.96 9.36 -4.33
N CYS A 441 38.37 8.55 -5.32
CA CYS A 441 37.96 7.15 -5.47
C CYS A 441 38.81 6.27 -4.58
N ARG A 442 38.20 5.54 -3.64
CA ARG A 442 38.99 4.73 -2.68
C ARG A 442 38.87 3.23 -2.97
N ARG A 443 38.22 2.83 -4.05
CA ARG A 443 38.11 1.44 -4.45
C ARG A 443 39.11 0.99 -5.50
N CYS A 444 39.29 1.77 -6.57
CA CYS A 444 39.99 1.28 -7.74
C CYS A 444 41.46 1.55 -7.81
N PRO A 445 42.20 0.62 -8.47
CA PRO A 445 43.62 0.88 -8.73
C PRO A 445 43.77 2.15 -9.61
N ALA A 446 44.80 2.97 -9.39
CA ALA A 446 45.02 4.18 -10.19
C ALA A 446 44.86 4.02 -11.72
N GLU A 447 45.17 2.85 -12.33
CA GLU A 447 44.97 2.66 -13.77
C GLU A 447 43.51 2.85 -14.15
N ILE A 448 42.58 2.24 -13.36
CA ILE A 448 41.16 2.37 -13.57
C ILE A 448 40.71 3.80 -13.26
N VAL A 449 41.15 4.38 -12.12
CA VAL A 449 40.76 5.74 -11.73
C VAL A 449 41.17 6.81 -12.77
N ASP A 450 42.42 6.75 -13.29
CA ASP A 450 42.92 7.71 -14.26
C ASP A 450 42.15 7.61 -15.60
N THR A 451 41.70 6.38 -15.96
CA THR A 451 40.98 6.09 -17.21
C THR A 451 39.57 6.66 -17.20
N VAL A 452 38.78 6.39 -16.13
CA VAL A 452 37.43 6.94 -15.99
C VAL A 452 37.44 8.45 -15.71
N SER A 453 38.50 8.94 -15.04
CA SER A 453 38.68 10.36 -14.73
C SER A 453 38.75 11.14 -16.04
N ALA A 454 39.58 10.70 -16.99
CA ALA A 454 39.68 11.36 -18.30
C ALA A 454 38.43 11.12 -19.19
N LEU A 455 37.88 9.91 -19.15
CA LEU A 455 36.75 9.52 -19.95
C LEU A 455 35.43 10.24 -19.61
N VAL A 456 34.99 10.23 -18.31
CA VAL A 456 33.69 10.82 -17.97
C VAL A 456 33.70 11.85 -16.84
N TYR A 457 34.85 12.16 -16.21
CA TYR A 457 34.84 13.07 -15.05
C TYR A 457 35.59 14.37 -15.19
N ASP A 458 36.09 14.69 -16.39
CA ASP A 458 36.86 15.89 -16.69
C ASP A 458 38.13 15.96 -15.87
N ASN A 459 38.80 14.84 -15.69
CA ASN A 459 40.05 14.72 -14.95
C ASN A 459 39.95 15.20 -13.52
N LYS A 460 38.74 15.15 -12.94
CA LYS A 460 38.47 15.61 -11.57
C LYS A 460 38.29 14.45 -10.57
N LEU A 461 38.41 13.16 -11.03
CA LEU A 461 38.39 12.00 -10.12
C LEU A 461 39.84 11.69 -9.76
N LYS A 462 40.12 11.63 -8.46
CA LYS A 462 41.48 11.39 -7.98
C LYS A 462 41.63 9.98 -7.41
N ALA A 463 42.82 9.35 -7.63
CA ALA A 463 43.05 7.98 -7.18
C ALA A 463 43.61 7.95 -5.77
N HIS A 464 42.87 7.33 -4.84
CA HIS A 464 43.32 7.16 -3.47
C HIS A 464 44.37 6.04 -3.43
N LYS A 465 44.11 4.92 -4.15
CA LYS A 465 45.06 3.83 -4.21
C LYS A 465 46.15 4.15 -5.24
N ASP A 466 47.25 3.36 -5.20
CA ASP A 466 48.32 3.44 -6.19
C ASP A 466 47.87 2.51 -7.37
N LYS A 467 48.67 2.46 -8.44
CA LYS A 467 48.45 1.53 -9.54
C LYS A 467 48.71 0.12 -8.97
N SER A 468 47.78 -0.80 -9.20
CA SER A 468 47.92 -2.17 -8.69
C SER A 468 48.87 -3.02 -9.54
N ALA A 469 49.16 -2.57 -10.81
CA ALA A 469 49.91 -3.32 -11.84
C ALA A 469 49.25 -4.68 -12.14
N GLN A 470 47.92 -4.74 -11.95
CA GLN A 470 47.06 -5.88 -12.18
C GLN A 470 45.89 -5.49 -13.12
N CYS A 471 46.07 -4.45 -13.96
CA CYS A 471 45.04 -3.96 -14.86
C CYS A 471 45.55 -4.13 -16.27
N PHE A 472 45.00 -5.13 -16.98
CA PHE A 472 45.42 -5.52 -18.31
C PHE A 472 44.35 -5.28 -19.35
N LYS A 473 44.78 -4.98 -20.57
CA LYS A 473 43.90 -4.76 -21.71
C LYS A 473 44.44 -5.59 -22.90
N MET A 474 43.54 -6.16 -23.68
CA MET A 474 43.92 -6.99 -24.81
C MET A 474 43.01 -6.67 -25.93
N PHE A 475 43.56 -6.28 -27.08
CA PHE A 475 42.73 -5.93 -28.23
C PHE A 475 42.45 -7.22 -29.03
N TYR A 476 41.28 -7.80 -28.86
CA TYR A 476 40.91 -9.04 -29.55
C TYR A 476 39.47 -8.99 -30.05
N LYS A 477 39.26 -8.76 -31.38
CA LYS A 477 37.87 -8.66 -31.88
C LYS A 477 37.09 -9.99 -31.89
N GLY A 478 37.81 -11.12 -32.01
CA GLY A 478 37.26 -12.47 -31.98
C GLY A 478 36.23 -12.77 -33.05
N VAL A 479 35.08 -13.38 -32.64
CA VAL A 479 33.98 -13.73 -33.53
C VAL A 479 32.69 -13.46 -32.77
N ILE A 480 31.81 -12.63 -33.34
CA ILE A 480 30.54 -12.31 -32.70
C ILE A 480 29.43 -13.15 -33.27
N THR A 481 28.77 -13.91 -32.41
CA THR A 481 27.61 -14.71 -32.78
C THR A 481 26.41 -14.09 -32.04
N HIS A 482 25.25 -14.01 -32.70
CA HIS A 482 24.06 -13.44 -32.09
C HIS A 482 23.02 -14.51 -31.77
N ASP A 483 22.39 -14.38 -30.61
CA ASP A 483 21.35 -15.24 -30.04
C ASP A 483 20.27 -14.23 -29.86
N VAL A 484 19.49 -14.02 -30.93
CA VAL A 484 18.54 -12.93 -31.08
C VAL A 484 19.42 -11.60 -31.02
N SER A 485 19.06 -10.52 -30.30
CA SER A 485 19.91 -9.32 -30.20
C SER A 485 21.15 -9.46 -29.22
N SER A 486 21.10 -10.44 -28.27
CA SER A 486 22.20 -10.67 -27.32
C SER A 486 23.36 -11.33 -28.06
N ALA A 487 24.56 -10.92 -27.73
CA ALA A 487 25.77 -11.37 -28.41
C ALA A 487 26.64 -12.29 -27.57
N ILE A 488 27.44 -13.10 -28.24
CA ILE A 488 28.40 -14.06 -27.70
C ILE A 488 29.70 -13.89 -28.50
N ASN A 489 30.82 -14.02 -27.84
CA ASN A 489 32.13 -13.98 -28.47
C ASN A 489 32.98 -15.08 -27.81
N ARG A 490 32.83 -16.32 -28.30
CA ARG A 490 33.56 -17.49 -27.80
C ARG A 490 35.09 -17.31 -27.88
N PRO A 491 35.69 -16.76 -28.96
CA PRO A 491 37.15 -16.51 -28.94
C PRO A 491 37.65 -15.59 -27.79
N GLN A 492 36.79 -14.63 -27.32
CA GLN A 492 37.08 -13.75 -26.18
C GLN A 492 37.00 -14.50 -24.85
N ILE A 493 36.08 -15.45 -24.71
CA ILE A 493 36.01 -16.33 -23.53
C ILE A 493 37.18 -17.36 -23.54
N GLY A 494 37.62 -17.76 -24.73
CA GLY A 494 38.75 -18.66 -24.93
C GLY A 494 40.05 -18.00 -24.55
N VAL A 495 40.20 -16.73 -24.88
CA VAL A 495 41.37 -15.94 -24.51
C VAL A 495 41.42 -15.79 -22.93
N VAL A 496 40.24 -15.67 -22.25
CA VAL A 496 40.14 -15.58 -20.79
C VAL A 496 40.55 -16.91 -20.16
N ARG A 497 40.07 -18.03 -20.75
CA ARG A 497 40.40 -19.39 -20.33
C ARG A 497 41.93 -19.61 -20.34
N GLU A 498 42.64 -19.16 -21.42
CA GLU A 498 44.10 -19.22 -21.57
C GLU A 498 44.76 -18.41 -20.47
N PHE A 499 44.27 -17.19 -20.24
CA PHE A 499 44.79 -16.25 -19.26
C PHE A 499 44.73 -16.82 -17.84
N LEU A 500 43.60 -17.45 -17.49
CA LEU A 500 43.35 -18.01 -16.18
C LEU A 500 44.29 -19.16 -15.80
N THR A 501 44.72 -19.96 -16.79
CA THR A 501 45.64 -21.08 -16.54
C THR A 501 47.01 -20.54 -16.07
N ARG A 502 47.46 -19.43 -16.67
CA ARG A 502 48.72 -18.73 -16.38
C ARG A 502 48.60 -17.71 -15.23
N ASN A 503 47.37 -17.32 -14.85
CA ASN A 503 47.13 -16.36 -13.77
C ASN A 503 46.05 -16.91 -12.84
N PRO A 504 46.40 -17.95 -12.06
CA PRO A 504 45.40 -18.60 -11.21
C PRO A 504 44.85 -17.76 -10.07
N ALA A 505 45.52 -16.64 -9.72
CA ALA A 505 44.98 -15.72 -8.71
C ALA A 505 43.61 -15.15 -9.19
N TRP A 506 43.46 -15.03 -10.52
CA TRP A 506 42.26 -14.55 -11.17
C TRP A 506 41.10 -15.55 -11.14
N ARG A 507 41.29 -16.72 -10.47
CA ARG A 507 40.28 -17.75 -10.23
C ARG A 507 39.09 -17.21 -9.43
N LYS A 508 39.34 -16.21 -8.60
CA LYS A 508 38.37 -15.55 -7.74
C LYS A 508 37.65 -14.34 -8.44
N ALA A 509 37.98 -14.07 -9.72
CA ALA A 509 37.40 -12.95 -10.49
C ALA A 509 35.94 -13.17 -10.84
N VAL A 510 35.20 -12.05 -10.97
CA VAL A 510 33.82 -11.98 -11.46
C VAL A 510 33.92 -11.66 -12.94
N PHE A 511 33.22 -12.43 -13.79
CA PHE A 511 33.17 -12.22 -15.24
C PHE A 511 32.06 -11.19 -15.55
N ILE A 512 32.42 -10.12 -16.26
CA ILE A 512 31.51 -9.06 -16.66
C ILE A 512 31.54 -8.86 -18.19
N SER A 513 30.36 -8.70 -18.79
CA SER A 513 30.21 -8.42 -20.21
C SER A 513 28.89 -7.66 -20.40
N PRO A 514 28.76 -6.92 -21.51
CA PRO A 514 27.51 -6.18 -21.74
C PRO A 514 26.26 -7.02 -22.11
N TYR A 515 26.43 -8.33 -22.36
CA TYR A 515 25.38 -9.24 -22.84
C TYR A 515 25.19 -10.46 -21.97
N ASN A 516 23.93 -10.81 -21.64
CA ASN A 516 23.68 -12.00 -20.81
C ASN A 516 24.03 -13.31 -21.53
N SER A 517 23.90 -13.34 -22.88
CA SER A 517 24.23 -14.54 -23.62
C SER A 517 25.72 -14.84 -23.56
N GLN A 518 26.56 -13.78 -23.62
CA GLN A 518 28.01 -13.88 -23.53
C GLN A 518 28.40 -14.45 -22.15
N ASN A 519 27.68 -14.01 -21.09
CA ASN A 519 27.80 -14.39 -19.68
C ASN A 519 27.40 -15.86 -19.44
N ALA A 520 26.31 -16.33 -20.09
CA ALA A 520 25.79 -17.70 -20.01
C ALA A 520 26.84 -18.68 -20.53
N VAL A 521 27.52 -18.31 -21.64
CA VAL A 521 28.59 -19.09 -22.25
C VAL A 521 29.84 -19.12 -21.35
N ALA A 522 30.29 -17.94 -20.88
CA ALA A 522 31.46 -17.77 -20.03
C ALA A 522 31.31 -18.45 -18.65
N SER A 523 30.08 -18.57 -18.18
CA SER A 523 29.79 -19.24 -16.92
C SER A 523 30.02 -20.75 -17.10
N LYS A 524 29.59 -21.31 -18.24
CA LYS A 524 29.77 -22.74 -18.49
C LYS A 524 31.25 -23.09 -18.83
N ILE A 525 31.96 -22.25 -19.60
CA ILE A 525 33.35 -22.49 -20.00
C ILE A 525 34.39 -22.12 -18.93
N LEU A 526 34.19 -20.98 -18.24
CA LEU A 526 35.14 -20.53 -17.22
C LEU A 526 34.73 -20.91 -15.81
N GLY A 527 33.43 -21.05 -15.57
CA GLY A 527 32.93 -21.37 -14.24
C GLY A 527 32.93 -20.17 -13.29
N LEU A 528 33.44 -18.99 -13.76
CA LEU A 528 33.46 -17.76 -12.99
C LEU A 528 32.04 -17.27 -12.70
N PRO A 529 31.82 -16.57 -11.57
CA PRO A 529 30.50 -15.94 -11.37
C PRO A 529 30.32 -14.84 -12.43
N THR A 530 29.05 -14.65 -12.86
CA THR A 530 28.69 -13.81 -13.99
C THR A 530 27.82 -12.60 -13.59
N GLN A 531 28.10 -11.44 -14.23
CA GLN A 531 27.38 -10.19 -14.02
C GLN A 531 27.32 -9.41 -15.33
N THR A 532 26.19 -8.79 -15.70
CA THR A 532 26.16 -7.88 -16.86
C THR A 532 26.67 -6.55 -16.35
N VAL A 533 27.21 -5.66 -17.21
CA VAL A 533 27.68 -4.34 -16.75
C VAL A 533 26.61 -3.60 -15.93
N ASP A 534 25.36 -3.69 -16.39
CA ASP A 534 24.19 -3.08 -15.77
C ASP A 534 23.87 -3.67 -14.39
N SER A 535 23.87 -5.00 -14.26
CA SER A 535 23.60 -5.61 -12.94
C SER A 535 24.79 -5.50 -11.97
N SER A 536 26.00 -5.17 -12.49
CA SER A 536 27.18 -4.99 -11.64
C SER A 536 27.22 -3.59 -10.98
N GLN A 537 26.37 -2.65 -11.42
CA GLN A 537 26.32 -1.27 -10.91
C GLN A 537 26.00 -1.25 -9.41
N GLY A 538 26.84 -0.56 -8.63
CA GLY A 538 26.72 -0.48 -7.18
C GLY A 538 27.52 -1.51 -6.40
N SER A 539 28.06 -2.54 -7.10
CA SER A 539 28.80 -3.65 -6.51
C SER A 539 30.30 -3.54 -6.78
N GLU A 540 31.11 -4.20 -5.94
CA GLU A 540 32.55 -4.20 -6.12
C GLU A 540 33.13 -5.59 -5.95
N TYR A 541 34.16 -5.88 -6.72
CA TYR A 541 34.83 -7.17 -6.79
C TYR A 541 36.33 -6.95 -6.75
N ASP A 542 37.10 -7.88 -6.17
CA ASP A 542 38.56 -7.75 -6.14
C ASP A 542 39.11 -7.82 -7.56
N TYR A 543 38.72 -8.85 -8.30
CA TYR A 543 39.17 -9.00 -9.67
C TYR A 543 37.97 -9.07 -10.59
N VAL A 544 38.10 -8.46 -11.77
CA VAL A 544 37.02 -8.42 -12.76
C VAL A 544 37.59 -8.82 -14.10
N ILE A 545 36.94 -9.73 -14.79
CA ILE A 545 37.32 -10.06 -16.16
C ILE A 545 36.19 -9.55 -17.04
N PHE A 546 36.49 -8.58 -17.89
CA PHE A 546 35.51 -7.99 -18.77
C PHE A 546 35.82 -8.31 -20.24
N THR A 547 34.87 -8.95 -20.95
CA THR A 547 35.01 -9.14 -22.39
C THR A 547 33.98 -8.18 -23.01
N GLN A 548 34.41 -7.27 -23.89
CA GLN A 548 33.50 -6.31 -24.50
C GLN A 548 32.40 -6.96 -25.38
N THR A 549 32.68 -8.18 -25.90
CA THR A 549 31.83 -9.03 -26.76
C THR A 549 31.71 -8.46 -28.20
N THR A 550 31.24 -7.18 -28.33
CA THR A 550 31.05 -6.49 -29.63
C THR A 550 31.60 -5.03 -29.61
N GLU A 551 31.64 -4.35 -30.77
CA GLU A 551 31.99 -2.94 -30.81
C GLU A 551 30.80 -2.18 -31.32
N THR A 552 29.65 -2.39 -30.66
CA THR A 552 28.37 -1.73 -30.92
C THR A 552 28.20 -0.45 -30.09
N ALA A 553 27.09 0.31 -30.27
CA ALA A 553 26.86 1.51 -29.46
C ALA A 553 26.53 1.17 -27.99
N HIS A 554 26.01 -0.07 -27.74
CA HIS A 554 25.68 -0.57 -26.40
C HIS A 554 26.95 -0.91 -25.61
N SER A 555 27.84 -1.69 -26.18
CA SER A 555 29.07 -2.08 -25.52
C SER A 555 30.11 -0.93 -25.52
N CYS A 556 29.98 0.07 -26.43
CA CYS A 556 30.90 1.22 -26.43
C CYS A 556 30.39 2.44 -25.71
N ASN A 557 29.19 2.35 -25.06
CA ASN A 557 28.61 3.42 -24.26
C ASN A 557 29.62 3.74 -23.12
N VAL A 558 30.01 5.02 -22.99
CA VAL A 558 31.00 5.40 -22.01
C VAL A 558 30.48 5.25 -20.60
N ASN A 559 29.17 5.40 -20.35
CA ASN A 559 28.63 5.23 -19.01
C ASN A 559 28.70 3.76 -18.60
N ARG A 560 28.39 2.83 -19.54
CA ARG A 560 28.46 1.39 -19.32
C ARG A 560 29.93 1.02 -19.14
N PHE A 561 30.83 1.58 -19.99
CA PHE A 561 32.26 1.32 -19.90
C PHE A 561 32.85 1.79 -18.56
N ASN A 562 32.33 2.90 -18.05
CA ASN A 562 32.70 3.49 -16.78
C ASN A 562 32.34 2.51 -15.67
N VAL A 563 31.06 2.04 -15.62
CA VAL A 563 30.61 1.08 -14.63
C VAL A 563 31.41 -0.24 -14.73
N ALA A 564 31.65 -0.73 -15.95
CA ALA A 564 32.40 -1.95 -16.17
C ALA A 564 33.77 -1.98 -15.48
N ILE A 565 34.66 -1.00 -15.76
CA ILE A 565 36.00 -1.05 -15.22
C ILE A 565 36.09 -0.56 -13.76
N THR A 566 35.13 0.25 -13.27
CA THR A 566 35.16 0.72 -11.88
C THR A 566 34.57 -0.29 -10.86
N ARG A 567 34.32 -1.56 -11.26
CA ARG A 567 33.86 -2.60 -10.29
C ARG A 567 35.04 -3.19 -9.50
N ALA A 568 36.24 -3.19 -10.10
CA ALA A 568 37.47 -3.76 -9.60
C ALA A 568 38.17 -2.97 -8.50
N LYS A 569 38.59 -3.70 -7.44
CA LYS A 569 39.37 -3.13 -6.34
C LYS A 569 40.86 -3.39 -6.59
N VAL A 570 41.19 -4.63 -7.00
CA VAL A 570 42.58 -5.02 -7.20
C VAL A 570 43.02 -5.11 -8.66
N GLY A 571 42.32 -5.90 -9.46
CA GLY A 571 42.70 -6.10 -10.84
C GLY A 571 41.55 -6.24 -11.82
N ILE A 572 41.85 -5.95 -13.09
CA ILE A 572 40.90 -6.04 -14.20
C ILE A 572 41.60 -6.54 -15.46
N LEU A 573 40.95 -7.45 -16.17
CA LEU A 573 41.44 -7.91 -17.45
C LEU A 573 40.33 -7.45 -18.41
N CYS A 574 40.67 -6.60 -19.38
CA CYS A 574 39.72 -6.11 -20.36
C CYS A 574 40.03 -6.67 -21.73
N ILE A 575 39.17 -7.56 -22.26
CA ILE A 575 39.34 -8.08 -23.61
C ILE A 575 38.43 -7.19 -24.43
N MET A 576 39.04 -6.28 -25.20
CA MET A 576 38.42 -5.21 -25.98
C MET A 576 38.16 -5.50 -27.45
N SER A 577 37.02 -5.00 -27.95
CA SER A 577 36.57 -5.10 -29.32
C SER A 577 36.78 -3.77 -30.08
N ASP A 578 36.63 -2.63 -29.35
CA ASP A 578 36.71 -1.24 -29.81
C ASP A 578 38.12 -0.68 -29.72
N ARG A 579 38.73 -0.26 -30.85
CA ARG A 579 40.07 0.33 -30.84
C ARG A 579 40.12 1.64 -30.05
N ASP A 580 38.99 2.40 -30.06
CA ASP A 580 38.79 3.67 -29.37
C ASP A 580 38.98 3.48 -27.82
N LEU A 581 38.06 2.75 -27.15
CA LEU A 581 38.09 2.49 -25.72
C LEU A 581 39.31 1.66 -25.31
N TYR A 582 39.84 0.80 -26.21
CA TYR A 582 41.07 0.05 -25.88
C TYR A 582 42.24 1.04 -25.75
N ASP A 583 42.34 2.01 -26.70
CA ASP A 583 43.40 3.03 -26.70
C ASP A 583 43.24 4.04 -25.55
N LYS A 584 41.98 4.20 -25.02
CA LYS A 584 41.68 5.08 -23.86
C LYS A 584 42.00 4.36 -22.54
N LEU A 585 42.07 3.01 -22.50
CA LEU A 585 42.39 2.28 -21.27
C LEU A 585 43.87 2.47 -20.88
N GLN A 586 44.12 3.00 -19.67
CA GLN A 586 45.49 3.19 -19.20
C GLN A 586 45.92 1.98 -18.42
N PHE A 587 45.92 0.83 -19.11
CA PHE A 587 46.26 -0.49 -18.56
C PHE A 587 47.47 -1.05 -19.26
N THR A 588 48.12 -2.06 -18.63
CA THR A 588 49.23 -2.80 -19.19
C THR A 588 48.67 -3.68 -20.34
N SER A 589 49.15 -3.54 -21.59
CA SER A 589 48.66 -4.37 -22.70
C SER A 589 49.24 -5.80 -22.67
N LEU A 590 48.44 -6.81 -23.03
CA LEU A 590 48.86 -8.20 -23.10
C LEU A 590 48.84 -8.70 -24.56
N GLU A 591 49.74 -9.67 -24.89
CA GLU A 591 49.82 -10.31 -26.19
C GLU A 591 49.11 -11.71 -26.13
N ILE A 592 48.79 -12.30 -27.32
CA ILE A 592 48.12 -13.58 -27.67
C ILE A 592 46.89 -13.26 -28.53
N VAL B 2 9.70 14.34 18.97
CA VAL B 2 9.19 15.55 19.64
C VAL B 2 7.84 15.96 19.02
N GLY B 3 6.86 16.33 19.87
CA GLY B 3 5.45 16.61 19.51
C GLY B 3 4.60 17.23 20.60
N ALA B 4 3.29 16.91 20.64
CA ALA B 4 2.31 17.49 21.56
C ALA B 4 1.62 16.50 22.54
N CYS B 5 1.37 16.96 23.78
CA CYS B 5 0.77 16.19 24.90
C CYS B 5 -0.64 15.62 24.60
N VAL B 6 -0.79 14.27 24.62
CA VAL B 6 -2.07 13.59 24.38
C VAL B 6 -3.11 13.81 25.52
N LEU B 7 -2.84 14.75 26.47
CA LEU B 7 -3.73 15.04 27.60
C LEU B 7 -3.98 16.56 27.80
N CYS B 8 -2.98 17.37 27.39
CA CYS B 8 -2.93 18.83 27.58
C CYS B 8 -2.80 19.61 26.29
N ASN B 9 -2.06 19.04 25.35
CA ASN B 9 -1.58 19.60 24.08
C ASN B 9 -0.24 20.35 24.24
N SER B 10 0.21 20.62 25.51
CA SER B 10 1.47 21.32 25.79
C SER B 10 2.62 20.60 25.04
N GLN B 11 3.43 21.34 24.28
CA GLN B 11 4.53 20.73 23.53
C GLN B 11 5.54 20.03 24.44
N THR B 12 6.16 18.93 23.97
CA THR B 12 7.16 18.21 24.78
C THR B 12 8.07 17.30 23.98
N SER B 13 9.26 17.06 24.51
CA SER B 13 10.19 16.07 24.01
C SER B 13 9.83 14.66 24.59
N LEU B 14 9.08 14.62 25.72
CA LEU B 14 8.69 13.42 26.47
C LEU B 14 7.57 12.60 25.88
N ARG B 15 7.78 11.29 25.84
CA ARG B 15 6.88 10.24 25.41
C ARG B 15 6.97 9.16 26.52
N CYS B 16 5.82 8.54 26.95
CA CYS B 16 5.93 7.45 27.94
C CYS B 16 6.45 6.23 27.23
N GLY B 17 7.65 5.80 27.57
CA GLY B 17 8.31 4.64 26.98
C GLY B 17 7.70 3.31 27.34
N ALA B 18 6.85 3.27 28.41
CA ALA B 18 6.20 2.03 28.84
C ALA B 18 4.78 1.85 28.28
N CYS B 19 4.21 2.91 27.67
CA CYS B 19 2.92 2.81 26.99
C CYS B 19 3.22 2.11 25.68
N ILE B 20 2.38 1.14 25.32
CA ILE B 20 2.54 0.40 24.06
C ILE B 20 2.50 1.39 22.84
N ARG B 21 1.81 2.56 22.99
CA ARG B 21 1.72 3.57 21.95
C ARG B 21 2.73 4.74 22.05
N ARG B 22 3.48 4.81 23.17
CA ARG B 22 4.47 5.85 23.43
C ARG B 22 3.90 7.27 23.26
N PRO B 23 2.82 7.60 23.97
CA PRO B 23 2.20 8.93 23.78
C PRO B 23 3.06 10.08 24.26
N PHE B 24 3.02 11.20 23.52
CA PHE B 24 3.72 12.41 23.93
C PHE B 24 2.98 12.95 25.17
N LEU B 25 3.74 13.14 26.27
CA LEU B 25 3.23 13.66 27.53
C LEU B 25 4.07 14.87 27.93
N CYS B 26 3.41 15.93 28.40
CA CYS B 26 4.12 17.14 28.82
C CYS B 26 4.79 16.95 30.18
N CYS B 27 5.76 17.80 30.53
CA CYS B 27 6.47 17.75 31.81
C CYS B 27 5.55 17.47 33.03
N LYS B 28 4.39 18.17 33.12
CA LYS B 28 3.44 18.01 34.23
C LYS B 28 2.68 16.68 34.17
N CYS B 29 2.11 16.31 32.98
CA CYS B 29 1.30 15.09 32.79
C CYS B 29 2.13 13.81 32.75
N CYS B 30 3.37 13.91 32.26
CA CYS B 30 4.29 12.79 32.23
C CYS B 30 4.62 12.37 33.65
N TYR B 31 4.83 13.35 34.55
CA TYR B 31 5.12 13.09 35.94
C TYR B 31 3.91 12.43 36.61
N ASP B 32 2.69 13.04 36.55
CA ASP B 32 1.51 12.46 37.21
C ASP B 32 1.25 11.02 36.75
N HIS B 33 1.63 10.68 35.49
CA HIS B 33 1.49 9.34 34.92
C HIS B 33 2.55 8.39 35.50
N VAL B 34 3.87 8.75 35.41
CA VAL B 34 4.97 7.90 35.93
C VAL B 34 4.85 7.66 37.43
N ILE B 35 4.35 8.64 38.19
CA ILE B 35 4.22 8.49 39.64
C ILE B 35 2.95 7.75 40.07
N SER B 36 2.03 7.44 39.15
CA SER B 36 0.78 6.77 39.51
C SER B 36 0.62 5.38 38.89
N THR B 37 1.57 4.95 38.02
CA THR B 37 1.54 3.66 37.33
C THR B 37 2.92 2.94 37.41
N SER B 38 2.99 1.66 36.98
CA SER B 38 4.26 0.93 36.86
C SER B 38 5.16 1.51 35.71
N HIS B 39 4.63 2.46 34.95
CA HIS B 39 5.26 3.05 33.81
C HIS B 39 6.30 4.05 34.28
N LYS B 40 7.57 3.67 34.24
CA LYS B 40 8.65 4.58 34.65
C LYS B 40 9.64 4.88 33.52
N LEU B 41 9.51 4.23 32.34
CA LEU B 41 10.44 4.55 31.25
C LEU B 41 9.95 5.81 30.54
N VAL B 42 10.80 6.85 30.46
CA VAL B 42 10.48 8.11 29.77
C VAL B 42 11.41 8.25 28.55
N LEU B 43 10.84 8.60 27.37
CA LEU B 43 11.62 8.73 26.16
C LEU B 43 11.65 10.18 25.71
N SER B 44 12.82 10.64 25.30
CA SER B 44 12.98 12.00 24.76
C SER B 44 13.75 11.84 23.41
N VAL B 45 14.76 12.71 23.10
CA VAL B 45 15.63 12.53 21.91
C VAL B 45 16.38 11.20 22.16
N ASN B 46 16.99 11.11 23.35
CA ASN B 46 17.63 9.94 23.89
C ASN B 46 16.67 9.43 24.98
N PRO B 47 16.61 8.12 25.23
CA PRO B 47 15.76 7.63 26.31
C PRO B 47 16.36 8.01 27.68
N TYR B 48 15.49 8.09 28.70
CA TYR B 48 15.93 8.43 30.04
C TYR B 48 16.35 7.12 30.68
N VAL B 49 17.61 6.76 30.46
CA VAL B 49 18.25 5.53 30.94
C VAL B 49 19.67 5.88 31.44
N CYS B 50 20.23 5.10 32.39
CA CYS B 50 21.57 5.38 32.88
C CYS B 50 22.63 5.05 31.80
N ASN B 51 23.35 6.10 31.36
CA ASN B 51 24.38 5.99 30.32
C ASN B 51 25.70 5.35 30.82
N ALA B 52 25.80 5.04 32.13
CA ALA B 52 26.96 4.36 32.69
C ALA B 52 26.97 2.93 32.13
N PRO B 53 28.15 2.44 31.71
CA PRO B 53 28.22 1.11 31.10
C PRO B 53 27.60 -0.05 31.92
N GLY B 54 26.71 -0.80 31.26
CA GLY B 54 26.05 -1.95 31.87
C GLY B 54 25.13 -1.66 33.03
N CYS B 55 24.75 -0.38 33.23
CA CYS B 55 23.83 -0.05 34.30
C CYS B 55 22.41 -0.19 33.78
N ASP B 56 21.59 -0.97 34.48
CA ASP B 56 20.21 -1.22 34.05
C ASP B 56 19.15 -0.29 34.67
N VAL B 57 19.55 0.90 35.17
CA VAL B 57 18.57 1.84 35.74
C VAL B 57 17.83 2.55 34.60
N THR B 58 16.48 2.33 34.50
CA THR B 58 15.59 2.91 33.50
C THR B 58 14.41 3.68 34.13
N ASP B 59 14.21 3.60 35.47
CA ASP B 59 13.15 4.30 36.21
C ASP B 59 13.49 5.80 36.28
N VAL B 60 12.64 6.66 35.70
CA VAL B 60 12.80 8.12 35.64
C VAL B 60 12.88 8.78 37.03
N THR B 61 12.22 8.19 38.04
CA THR B 61 12.24 8.70 39.41
C THR B 61 13.64 8.55 40.05
N GLN B 62 14.40 7.49 39.65
CA GLN B 62 15.74 7.18 40.12
C GLN B 62 16.84 7.71 39.17
N LEU B 63 16.53 8.68 38.30
CA LEU B 63 17.52 9.19 37.34
C LEU B 63 17.71 10.71 37.41
N TYR B 64 18.91 11.18 36.96
CA TYR B 64 19.40 12.57 37.02
C TYR B 64 20.11 12.99 35.71
N LEU B 65 20.16 14.30 35.41
CA LEU B 65 20.89 14.79 34.24
C LEU B 65 22.25 15.41 34.62
N GLY B 66 23.34 14.73 34.22
CA GLY B 66 24.73 15.13 34.44
C GLY B 66 25.41 15.53 33.15
N GLY B 67 25.53 16.83 32.94
CA GLY B 67 26.08 17.40 31.72
C GLY B 67 24.99 17.34 30.67
N MET B 68 25.22 16.58 29.60
CA MET B 68 24.20 16.33 28.58
C MET B 68 23.83 14.82 28.47
N SER B 69 24.21 14.04 29.50
CA SER B 69 24.04 12.59 29.64
C SER B 69 23.30 12.20 30.97
N TYR B 70 22.45 11.15 30.94
CA TYR B 70 21.61 10.70 32.08
C TYR B 70 22.24 9.60 32.91
N TYR B 71 22.12 9.69 34.25
CA TYR B 71 22.70 8.68 35.13
C TYR B 71 21.81 8.41 36.35
N CYS B 72 21.96 7.27 37.01
CA CYS B 72 21.20 6.96 38.22
C CYS B 72 21.90 7.57 39.48
N LYS B 73 21.43 7.23 40.70
CA LYS B 73 22.04 7.71 41.93
C LYS B 73 23.52 7.24 42.02
N SER B 74 23.79 5.94 41.68
CA SER B 74 25.12 5.31 41.73
C SER B 74 26.17 5.86 40.76
N HIS B 75 25.75 6.43 39.62
CA HIS B 75 26.71 6.91 38.63
C HIS B 75 26.62 8.40 38.33
N LYS B 76 25.68 9.14 38.98
CA LYS B 76 25.55 10.56 38.70
C LYS B 76 26.84 11.36 39.04
N PRO B 77 27.23 12.29 38.15
CA PRO B 77 28.41 13.11 38.43
C PRO B 77 28.10 14.18 39.51
N PRO B 78 29.14 14.86 40.05
CA PRO B 78 28.88 15.86 41.11
C PRO B 78 27.81 16.88 40.75
N ILE B 79 27.90 17.46 39.53
CA ILE B 79 26.90 18.41 39.07
C ILE B 79 25.77 17.72 38.31
N SER B 80 24.62 17.55 38.98
CA SER B 80 23.44 16.93 38.39
C SER B 80 22.15 17.35 39.08
N PHE B 81 21.09 17.51 38.28
CA PHE B 81 19.74 17.82 38.76
C PHE B 81 18.84 16.63 38.36
N PRO B 82 17.88 16.21 39.21
CA PRO B 82 17.04 15.06 38.84
C PRO B 82 16.10 15.33 37.66
N LEU B 83 15.47 14.28 37.13
CA LEU B 83 14.43 14.45 36.12
C LEU B 83 13.03 14.46 36.81
N CYS B 84 12.91 14.14 38.12
CA CYS B 84 11.63 14.22 38.83
C CYS B 84 11.68 15.12 40.01
N ALA B 85 10.97 16.25 39.86
CA ALA B 85 10.91 17.27 40.89
C ALA B 85 9.82 18.25 40.56
N ASN B 86 9.18 18.82 41.59
CA ASN B 86 8.15 19.85 41.46
C ASN B 86 6.93 19.42 40.61
N GLY B 87 6.58 18.14 40.64
CA GLY B 87 5.46 17.62 39.85
C GLY B 87 5.71 17.60 38.34
N GLN B 88 6.98 17.51 37.96
CA GLN B 88 7.37 17.54 36.57
C GLN B 88 8.50 16.59 36.24
N VAL B 89 8.42 15.99 35.05
CA VAL B 89 9.50 15.18 34.51
C VAL B 89 10.24 16.16 33.60
N PHE B 90 11.56 16.33 33.81
CA PHE B 90 12.37 17.24 33.02
C PHE B 90 12.33 16.89 31.56
N GLY B 91 12.12 17.89 30.72
CA GLY B 91 12.11 17.69 29.28
C GLY B 91 12.36 18.98 28.54
N LEU B 92 11.47 19.30 27.65
CA LEU B 92 11.52 20.54 26.90
C LEU B 92 10.16 21.19 27.05
N TYR B 93 10.15 22.51 26.91
CA TYR B 93 8.91 23.29 26.97
C TYR B 93 8.20 23.17 28.35
N LYS B 94 8.95 23.33 29.45
CA LYS B 94 8.40 23.29 30.81
C LYS B 94 7.68 24.60 31.20
N ASN B 95 7.96 25.70 30.48
CA ASN B 95 7.31 27.00 30.66
C ASN B 95 5.90 26.95 30.04
N THR B 96 5.81 26.36 28.82
CA THR B 96 4.55 26.11 28.09
C THR B 96 3.97 24.75 28.56
N CYS B 97 3.45 24.73 29.80
CA CYS B 97 2.94 23.52 30.47
C CYS B 97 1.61 23.88 31.16
N VAL B 98 0.61 22.95 31.16
CA VAL B 98 -0.70 23.22 31.76
C VAL B 98 -1.10 22.22 32.85
N GLY B 99 -1.00 20.92 32.53
CA GLY B 99 -1.38 19.83 33.41
C GLY B 99 -2.85 19.46 33.30
N SER B 100 -3.28 18.44 34.03
CA SER B 100 -4.68 18.04 34.07
C SER B 100 -5.09 17.78 35.51
N ASP B 101 -6.31 18.18 35.90
CA ASP B 101 -6.80 17.99 37.28
C ASP B 101 -6.96 16.50 37.67
N ASN B 102 -7.08 15.59 36.64
CA ASN B 102 -7.21 14.13 36.79
C ASN B 102 -6.71 13.33 35.57
N VAL B 103 -5.44 12.90 35.62
CA VAL B 103 -4.80 11.99 34.64
C VAL B 103 -5.34 10.53 34.80
N THR B 104 -6.39 10.33 35.66
CA THR B 104 -6.98 9.09 36.12
C THR B 104 -7.45 8.22 35.00
N ASP B 105 -8.26 8.75 34.05
CA ASP B 105 -8.76 7.98 32.91
C ASP B 105 -7.64 7.57 31.95
N PHE B 106 -6.63 8.46 31.76
CA PHE B 106 -5.49 8.17 30.90
C PHE B 106 -4.69 6.97 31.46
N ASN B 107 -4.53 6.91 32.79
CA ASN B 107 -3.78 5.84 33.45
C ASN B 107 -4.49 4.50 33.27
N ALA B 108 -5.83 4.48 33.29
CA ALA B 108 -6.59 3.26 33.12
C ALA B 108 -6.51 2.77 31.66
N ILE B 109 -6.53 3.69 30.69
CA ILE B 109 -6.39 3.30 29.28
C ILE B 109 -4.94 2.83 29.00
N ALA B 110 -3.95 3.47 29.63
CA ALA B 110 -2.55 3.14 29.43
C ALA B 110 -2.17 1.80 30.01
N THR B 111 -2.76 1.44 31.14
CA THR B 111 -2.35 0.24 31.87
C THR B 111 -3.28 -0.98 31.75
N CYS B 112 -4.56 -0.78 31.36
CA CYS B 112 -5.55 -1.87 31.22
C CYS B 112 -5.15 -2.91 30.17
N ASP B 113 -5.64 -4.16 30.34
CA ASP B 113 -5.35 -5.27 29.43
C ASP B 113 -6.43 -5.47 28.32
N TRP B 114 -7.53 -4.68 28.35
CA TRP B 114 -8.65 -4.69 27.40
C TRP B 114 -9.46 -5.98 27.47
N THR B 115 -9.50 -6.65 28.62
CA THR B 115 -10.27 -7.89 28.79
C THR B 115 -11.62 -7.63 29.49
N ASN B 116 -11.80 -6.46 30.13
CA ASN B 116 -13.02 -6.10 30.84
C ASN B 116 -13.87 -5.19 29.96
N ALA B 117 -15.19 -5.19 30.16
CA ALA B 117 -16.09 -4.35 29.39
C ALA B 117 -15.93 -2.87 29.80
N GLY B 118 -15.63 -2.62 31.09
CA GLY B 118 -15.42 -1.29 31.63
C GLY B 118 -14.30 -0.52 30.96
N ASP B 119 -13.38 -1.26 30.25
CA ASP B 119 -12.23 -0.75 29.50
C ASP B 119 -12.69 -0.09 28.20
N TYR B 120 -13.64 -0.74 27.53
CA TYR B 120 -14.23 -0.28 26.29
C TYR B 120 -15.23 0.85 26.57
N ILE B 121 -15.95 0.77 27.72
CA ILE B 121 -16.90 1.79 28.17
C ILE B 121 -16.14 3.10 28.38
N LEU B 122 -14.97 3.05 29.03
CA LEU B 122 -14.11 4.20 29.26
C LEU B 122 -13.54 4.76 27.93
N ALA B 123 -13.07 3.90 27.02
CA ALA B 123 -12.53 4.28 25.71
C ALA B 123 -13.57 5.02 24.80
N ASN B 124 -14.82 5.17 25.27
CA ASN B 124 -15.95 5.79 24.57
C ASN B 124 -16.59 6.93 25.35
N THR B 125 -16.46 6.91 26.70
CA THR B 125 -16.99 7.98 27.54
C THR B 125 -15.92 9.10 27.79
N CYS B 126 -14.63 8.82 27.54
CA CYS B 126 -13.55 9.78 27.75
C CYS B 126 -13.58 10.95 26.75
N THR B 127 -12.59 11.84 26.87
CA THR B 127 -12.38 12.99 26.02
C THR B 127 -12.06 12.52 24.61
N GLU B 128 -12.33 13.36 23.58
CA GLU B 128 -12.05 12.99 22.21
C GLU B 128 -10.60 12.54 22.02
N ARG B 129 -9.63 13.25 22.63
CA ARG B 129 -8.21 12.86 22.51
C ARG B 129 -7.90 11.51 23.18
N LEU B 130 -8.61 11.18 24.27
CA LEU B 130 -8.40 9.91 24.93
C LEU B 130 -9.16 8.76 24.28
N LYS B 131 -10.16 9.04 23.43
CA LYS B 131 -10.83 8.05 22.60
C LYS B 131 -9.80 7.57 21.55
N LEU B 132 -8.99 8.50 20.98
CA LEU B 132 -7.99 8.16 19.98
C LEU B 132 -6.84 7.38 20.57
N PHE B 133 -6.36 7.79 21.76
CA PHE B 133 -5.30 7.08 22.45
C PHE B 133 -5.79 5.65 22.81
N ALA B 134 -7.07 5.53 23.32
CA ALA B 134 -7.65 4.24 23.68
C ALA B 134 -7.76 3.32 22.46
N ALA B 135 -8.22 3.87 21.30
CA ALA B 135 -8.36 3.13 20.05
C ALA B 135 -7.03 2.61 19.53
N GLU B 136 -6.01 3.44 19.62
CA GLU B 136 -4.65 3.14 19.17
C GLU B 136 -4.03 2.06 20.11
N THR B 137 -4.28 2.16 21.42
CA THR B 137 -3.72 1.25 22.42
C THR B 137 -4.36 -0.13 22.31
N LEU B 138 -5.69 -0.14 22.15
CA LEU B 138 -6.47 -1.37 22.01
C LEU B 138 -6.07 -2.09 20.74
N LYS B 139 -5.98 -1.39 19.59
CA LYS B 139 -5.63 -2.04 18.32
C LYS B 139 -4.23 -2.61 18.33
N ALA B 140 -3.29 -1.90 18.92
CA ALA B 140 -1.92 -2.39 19.00
C ALA B 140 -1.85 -3.62 19.92
N THR B 141 -2.65 -3.61 21.03
CA THR B 141 -2.73 -4.72 21.98
C THR B 141 -3.34 -5.95 21.28
N GLU B 142 -4.41 -5.72 20.50
CA GLU B 142 -5.11 -6.76 19.75
C GLU B 142 -4.19 -7.37 18.73
N GLU B 143 -3.34 -6.58 18.05
CA GLU B 143 -2.38 -7.02 17.03
C GLU B 143 -1.21 -7.79 17.63
N THR B 144 -0.69 -7.33 18.77
CA THR B 144 0.41 -8.05 19.43
C THR B 144 -0.10 -9.38 20.05
N PHE B 145 -1.40 -9.47 20.40
CA PHE B 145 -1.98 -10.69 20.88
C PHE B 145 -2.03 -11.77 19.74
N LYS B 146 -2.08 -11.33 18.46
CA LYS B 146 -2.07 -12.24 17.31
C LYS B 146 -0.72 -12.94 17.15
N LEU B 147 0.36 -12.32 17.64
CA LEU B 147 1.72 -12.90 17.63
C LEU B 147 1.84 -13.97 18.72
N SER B 148 1.12 -13.81 19.87
CA SER B 148 1.11 -14.74 21.01
C SER B 148 0.83 -16.19 20.61
N TYR B 149 0.10 -16.36 19.51
CA TYR B 149 -0.23 -17.64 18.92
C TYR B 149 0.95 -18.34 18.24
N GLY B 150 0.93 -19.64 18.36
CA GLY B 150 1.91 -20.50 17.73
C GLY B 150 1.72 -20.67 16.25
N ILE B 151 2.84 -20.87 15.52
CA ILE B 151 2.88 -21.09 14.06
C ILE B 151 2.32 -22.50 13.74
N ALA B 152 1.32 -22.59 12.84
CA ALA B 152 0.70 -23.85 12.41
C ALA B 152 1.43 -24.39 11.17
N THR B 153 1.98 -25.62 11.22
CA THR B 153 2.72 -26.13 10.06
C THR B 153 2.03 -27.35 9.45
N VAL B 154 2.10 -27.51 8.11
CA VAL B 154 1.53 -28.68 7.43
C VAL B 154 2.41 -29.92 7.71
N ARG B 155 1.84 -30.92 8.40
CA ARG B 155 2.51 -32.19 8.71
C ARG B 155 2.25 -33.20 7.57
N GLU B 156 1.02 -33.19 7.02
CA GLU B 156 0.60 -34.13 6.00
C GLU B 156 -0.62 -33.62 5.27
N VAL B 157 -0.56 -33.55 3.93
CA VAL B 157 -1.71 -33.11 3.14
C VAL B 157 -2.69 -34.28 2.92
N LEU B 158 -3.40 -34.70 4.01
CA LEU B 158 -4.39 -35.80 4.11
C LEU B 158 -5.16 -36.10 2.79
N SER B 159 -5.78 -35.05 2.25
CA SER B 159 -6.52 -35.02 1.00
C SER B 159 -6.66 -33.52 0.61
N ASP B 160 -7.39 -33.22 -0.47
CA ASP B 160 -7.64 -31.83 -0.81
C ASP B 160 -8.72 -31.34 0.16
N ARG B 161 -8.60 -30.08 0.60
CA ARG B 161 -9.50 -29.46 1.58
C ARG B 161 -9.33 -30.03 3.02
N GLU B 162 -8.37 -30.95 3.24
CA GLU B 162 -8.12 -31.47 4.58
C GLU B 162 -6.61 -31.71 4.85
N LEU B 163 -6.14 -31.20 6.03
CA LEU B 163 -4.76 -31.19 6.51
C LEU B 163 -4.55 -31.78 7.93
N HIS B 164 -3.28 -32.10 8.23
CA HIS B 164 -2.82 -32.56 9.54
C HIS B 164 -1.83 -31.47 9.97
N LEU B 165 -2.20 -30.56 10.90
CA LEU B 165 -1.26 -29.50 11.28
C LEU B 165 -0.41 -29.81 12.55
N SER B 166 0.80 -29.24 12.57
CA SER B 166 1.79 -29.37 13.63
C SER B 166 1.93 -27.98 14.32
N TRP B 167 1.47 -27.86 15.57
CA TRP B 167 1.47 -26.58 16.27
C TRP B 167 2.69 -26.32 17.12
N GLU B 168 3.09 -25.04 17.17
CA GLU B 168 4.25 -24.58 17.94
C GLU B 168 4.07 -24.84 19.43
N VAL B 169 5.13 -25.31 20.07
CA VAL B 169 5.19 -25.63 21.49
C VAL B 169 5.40 -24.36 22.32
N GLY B 170 4.79 -24.31 23.50
CA GLY B 170 4.94 -23.15 24.38
C GLY B 170 4.00 -21.99 24.09
N LYS B 171 3.67 -21.76 22.80
CA LYS B 171 2.76 -20.70 22.37
C LYS B 171 1.39 -21.33 22.10
N PRO B 172 0.31 -20.66 22.57
CA PRO B 172 -1.05 -21.22 22.43
C PRO B 172 -1.58 -21.42 21.02
N ARG B 173 -2.67 -22.19 20.90
CA ARG B 173 -3.30 -22.44 19.61
C ARG B 173 -4.52 -21.50 19.45
N PRO B 174 -4.57 -20.74 18.33
CA PRO B 174 -5.71 -19.84 18.09
C PRO B 174 -7.03 -20.50 17.71
N PRO B 175 -8.18 -19.85 18.00
CA PRO B 175 -9.48 -20.44 17.61
C PRO B 175 -9.58 -20.71 16.11
N LEU B 176 -10.26 -21.80 15.76
CA LEU B 176 -10.39 -22.24 14.37
C LEU B 176 -11.82 -22.13 13.85
N ASN B 177 -12.09 -21.08 13.06
CA ASN B 177 -13.40 -20.78 12.48
C ASN B 177 -13.25 -19.81 11.28
N ARG B 178 -14.22 -18.90 11.05
CA ARG B 178 -14.17 -17.88 10.00
C ARG B 178 -13.63 -16.55 10.58
N ASN B 179 -13.90 -16.29 11.89
CA ASN B 179 -13.42 -15.10 12.61
C ASN B 179 -11.85 -15.03 12.67
N TYR B 180 -11.15 -16.07 12.19
CA TYR B 180 -9.70 -16.16 12.21
C TYR B 180 -9.12 -16.53 10.83
N VAL B 181 -8.50 -15.55 10.13
CA VAL B 181 -7.93 -15.79 8.80
C VAL B 181 -6.40 -15.86 8.80
N PHE B 182 -5.86 -17.06 8.54
CA PHE B 182 -4.44 -17.45 8.48
C PHE B 182 -3.76 -17.00 7.17
N THR B 183 -2.46 -17.21 7.04
CA THR B 183 -1.73 -16.81 5.84
C THR B 183 -0.63 -17.80 5.60
N GLY B 184 -0.75 -18.52 4.51
CA GLY B 184 0.22 -19.55 4.17
C GLY B 184 1.56 -18.99 3.73
N TYR B 185 2.59 -19.81 3.93
CA TYR B 185 3.95 -19.50 3.57
C TYR B 185 4.67 -20.77 3.15
N ARG B 186 5.53 -20.71 2.10
CA ARG B 186 6.32 -21.88 1.67
C ARG B 186 7.79 -21.56 1.91
N VAL B 187 8.52 -22.47 2.59
CA VAL B 187 9.94 -22.38 3.03
C VAL B 187 10.96 -22.11 1.89
N THR B 188 11.07 -20.85 1.35
CA THR B 188 12.03 -20.56 0.26
C THR B 188 13.49 -20.66 0.72
N LYS B 189 14.45 -20.68 -0.26
CA LYS B 189 15.89 -20.78 -0.02
C LYS B 189 16.39 -20.00 1.22
N ASN B 190 16.24 -18.66 1.22
CA ASN B 190 16.68 -17.85 2.35
C ASN B 190 15.54 -17.05 3.02
N SER B 191 14.26 -17.32 2.67
CA SER B 191 13.13 -16.61 3.27
C SER B 191 11.75 -17.36 3.10
N LYS B 192 10.60 -16.64 3.04
CA LYS B 192 9.26 -17.21 2.91
C LYS B 192 8.38 -16.51 1.82
N VAL B 193 7.59 -17.29 1.06
CA VAL B 193 6.69 -16.72 0.03
C VAL B 193 5.20 -16.89 0.43
N GLN B 194 4.37 -15.80 0.31
CA GLN B 194 2.95 -15.83 0.65
C GLN B 194 2.21 -16.77 -0.28
N ILE B 195 1.41 -17.68 0.28
CA ILE B 195 0.66 -18.68 -0.48
C ILE B 195 -0.88 -18.49 -0.26
N GLY B 196 -1.30 -17.27 0.08
CA GLY B 196 -2.71 -16.94 0.23
C GLY B 196 -3.25 -17.03 1.63
N GLU B 197 -4.41 -16.39 1.86
CA GLU B 197 -5.05 -16.43 3.16
C GLU B 197 -5.91 -17.70 3.28
N TYR B 198 -5.90 -18.30 4.47
CA TYR B 198 -6.59 -19.55 4.75
C TYR B 198 -7.47 -19.46 5.98
N THR B 199 -8.46 -20.33 6.07
CA THR B 199 -9.35 -20.41 7.23
C THR B 199 -9.55 -21.89 7.54
N PHE B 200 -9.82 -22.21 8.82
CA PHE B 200 -9.93 -23.60 9.23
C PHE B 200 -11.18 -23.92 10.12
N GLU B 201 -11.43 -25.23 10.35
CA GLU B 201 -12.50 -25.85 11.14
C GLU B 201 -12.06 -27.33 11.42
N LYS B 202 -12.38 -27.92 12.60
CA LYS B 202 -11.94 -29.32 12.88
C LYS B 202 -12.64 -30.32 11.94
N GLY B 203 -11.97 -31.42 11.60
CA GLY B 203 -12.50 -32.46 10.71
C GLY B 203 -12.86 -33.78 11.38
N ALA B 208 -7.01 -33.88 13.05
CA ALA B 208 -7.12 -33.52 11.63
C ALA B 208 -8.03 -32.30 11.41
N VAL B 209 -7.60 -31.33 10.57
CA VAL B 209 -8.35 -30.09 10.29
C VAL B 209 -8.76 -29.87 8.81
N VAL B 210 -9.77 -28.99 8.56
CA VAL B 210 -10.34 -28.62 7.25
C VAL B 210 -9.81 -27.25 6.74
N TYR B 211 -9.35 -27.10 5.47
CA TYR B 211 -8.85 -25.80 5.00
C TYR B 211 -9.69 -25.17 3.89
N ARG B 212 -10.03 -23.87 4.04
CA ARG B 212 -10.83 -23.13 3.04
C ARG B 212 -10.09 -21.87 2.58
N GLY B 213 -9.02 -22.07 1.83
CA GLY B 213 -8.19 -20.98 1.34
C GLY B 213 -8.83 -20.13 0.27
N THR B 214 -8.42 -18.85 0.21
CA THR B 214 -8.85 -17.84 -0.77
C THR B 214 -8.40 -18.29 -2.18
N THR B 215 -7.16 -18.77 -2.27
CA THR B 215 -6.62 -19.28 -3.51
C THR B 215 -6.64 -20.81 -3.51
N THR B 216 -6.61 -21.38 -4.71
CA THR B 216 -6.61 -22.83 -4.90
C THR B 216 -5.16 -23.34 -5.08
N TYR B 217 -4.41 -23.41 -3.97
CA TYR B 217 -3.03 -23.85 -4.01
C TYR B 217 -2.89 -25.29 -3.60
N LYS B 218 -2.04 -26.03 -4.32
CA LYS B 218 -1.77 -27.42 -3.96
C LYS B 218 -0.74 -27.32 -2.85
N LEU B 219 -1.21 -27.14 -1.59
CA LEU B 219 -0.29 -26.99 -0.48
C LEU B 219 0.50 -28.27 -0.20
N ASN B 220 1.68 -28.06 0.37
CA ASN B 220 2.66 -29.08 0.66
C ASN B 220 3.08 -29.05 2.13
N VAL B 221 3.70 -30.14 2.59
CA VAL B 221 4.24 -30.30 3.93
C VAL B 221 5.32 -29.22 4.18
N GLY B 222 5.35 -28.66 5.40
CA GLY B 222 6.30 -27.61 5.72
C GLY B 222 5.77 -26.20 5.55
N ASP B 223 4.62 -26.06 4.87
CA ASP B 223 3.97 -24.77 4.68
C ASP B 223 3.30 -24.41 5.99
N TYR B 224 3.52 -23.18 6.46
CA TYR B 224 2.96 -22.77 7.74
C TYR B 224 1.97 -21.59 7.62
N PHE B 225 1.09 -21.43 8.60
CA PHE B 225 0.05 -20.41 8.60
C PHE B 225 0.10 -19.50 9.81
N VAL B 226 -0.06 -18.20 9.60
CA VAL B 226 0.01 -17.22 10.69
C VAL B 226 -1.14 -16.21 10.57
N LEU B 227 -1.67 -15.73 11.70
CA LEU B 227 -2.69 -14.70 11.68
C LEU B 227 -1.94 -13.41 11.37
N THR B 228 -2.24 -12.77 10.24
CA THR B 228 -1.51 -11.59 9.81
C THR B 228 -1.80 -10.33 10.63
N SER B 229 -0.83 -9.97 11.44
CA SER B 229 -0.90 -8.77 12.26
C SER B 229 -0.35 -7.58 11.44
N HIS B 230 -1.03 -6.43 11.49
CA HIS B 230 -0.56 -5.26 10.74
C HIS B 230 -0.21 -4.08 11.62
N THR B 231 0.61 -3.15 11.08
CA THR B 231 1.09 -1.94 11.78
C THR B 231 -0.07 -1.01 12.15
N VAL B 232 -0.22 -0.69 13.45
CA VAL B 232 -1.27 0.21 13.90
C VAL B 232 -0.72 1.64 13.79
N MET B 233 -1.27 2.46 12.89
CA MET B 233 -0.82 3.82 12.71
C MET B 233 -1.39 4.77 13.74
N PRO B 234 -0.66 5.84 14.12
CA PRO B 234 -1.21 6.79 15.09
C PRO B 234 -2.42 7.57 14.55
N LEU B 235 -3.39 7.84 15.43
CA LEU B 235 -4.63 8.53 15.10
C LEU B 235 -4.48 10.01 15.34
N SER B 236 -4.99 10.83 14.41
CA SER B 236 -4.89 12.28 14.53
C SER B 236 -6.27 12.95 14.53
N ALA B 237 -7.12 12.60 13.57
CA ALA B 237 -8.47 13.19 13.41
C ALA B 237 -9.50 12.61 14.41
N PRO B 238 -10.53 13.38 14.83
CA PRO B 238 -11.50 12.83 15.78
C PRO B 238 -12.33 11.68 15.23
N THR B 239 -12.99 10.92 16.12
CA THR B 239 -13.88 9.84 15.70
C THR B 239 -15.10 10.47 14.98
N LEU B 240 -15.58 11.61 15.54
CA LEU B 240 -16.67 12.43 15.02
C LEU B 240 -16.21 13.88 14.92
N VAL B 241 -16.49 14.51 13.80
CA VAL B 241 -16.21 15.93 13.63
C VAL B 241 -17.27 16.70 14.46
N PRO B 242 -17.05 18.01 14.74
CA PRO B 242 -18.09 18.78 15.48
C PRO B 242 -19.35 18.90 14.63
N GLN B 243 -20.50 18.60 15.22
CA GLN B 243 -21.77 18.69 14.51
C GLN B 243 -22.16 20.13 14.13
N GLU B 244 -22.60 20.33 12.88
CA GLU B 244 -23.07 21.61 12.39
C GLU B 244 -24.51 21.43 11.90
N HIS B 245 -25.42 22.34 12.22
CA HIS B 245 -26.79 22.28 11.74
C HIS B 245 -27.03 23.45 10.84
N TYR B 246 -27.65 23.21 9.68
CA TYR B 246 -27.83 24.26 8.67
C TYR B 246 -29.31 24.67 8.45
N VAL B 247 -29.52 25.88 7.93
CA VAL B 247 -30.87 26.36 7.64
C VAL B 247 -31.34 25.89 6.23
N ARG B 248 -30.39 25.65 5.32
CA ARG B 248 -30.69 25.15 3.99
C ARG B 248 -29.70 24.04 3.62
N ILE B 249 -29.98 23.30 2.51
CA ILE B 249 -29.08 22.27 1.98
C ILE B 249 -27.80 22.97 1.54
N THR B 250 -26.67 22.50 2.06
CA THR B 250 -25.41 23.15 1.85
C THR B 250 -24.45 22.41 0.92
N GLY B 251 -24.02 23.07 -0.15
CA GLY B 251 -23.05 22.50 -1.08
C GLY B 251 -23.53 21.36 -1.97
N LEU B 252 -24.80 21.00 -1.80
CA LEU B 252 -25.41 19.94 -2.56
C LEU B 252 -26.59 20.52 -3.34
N TYR B 253 -26.79 20.01 -4.56
CA TYR B 253 -27.88 20.52 -5.41
C TYR B 253 -28.86 19.40 -5.79
N PRO B 254 -30.07 19.44 -5.19
CA PRO B 254 -31.07 18.38 -5.41
C PRO B 254 -31.75 18.38 -6.76
N THR B 255 -32.07 17.15 -7.22
CA THR B 255 -32.75 16.86 -8.48
C THR B 255 -34.14 17.48 -8.52
N LEU B 256 -34.68 17.67 -9.72
CA LEU B 256 -36.05 18.15 -9.87
C LEU B 256 -37.03 16.98 -10.07
N ASN B 257 -36.55 15.93 -10.74
CA ASN B 257 -37.34 14.76 -11.04
C ASN B 257 -36.67 13.61 -10.33
N ILE B 258 -37.39 13.00 -9.39
CA ILE B 258 -36.91 11.83 -8.66
C ILE B 258 -37.86 10.65 -8.93
N SER B 259 -37.31 9.43 -9.02
CA SER B 259 -38.15 8.26 -9.26
C SER B 259 -38.95 7.93 -8.00
N ASP B 260 -40.12 7.29 -8.15
CA ASP B 260 -40.94 6.91 -6.98
C ASP B 260 -40.32 5.82 -6.09
N GLU B 261 -39.20 5.23 -6.52
CA GLU B 261 -38.46 4.23 -5.75
C GLU B 261 -37.71 4.89 -4.59
N PHE B 262 -37.15 6.10 -4.83
CA PHE B 262 -36.37 6.88 -3.85
C PHE B 262 -37.13 8.00 -3.17
N SER B 263 -38.42 8.18 -3.53
CA SER B 263 -39.31 9.22 -3.01
C SER B 263 -39.60 9.08 -1.52
N SER B 264 -39.50 7.87 -0.97
CA SER B 264 -39.66 7.67 0.47
C SER B 264 -38.50 8.23 1.29
N ASN B 265 -37.34 8.48 0.65
CA ASN B 265 -36.20 9.03 1.36
C ASN B 265 -35.93 10.49 1.03
N VAL B 266 -36.79 11.20 0.28
CA VAL B 266 -36.55 12.60 -0.07
C VAL B 266 -36.33 13.50 1.16
N ALA B 267 -37.22 13.37 2.17
CA ALA B 267 -37.13 14.14 3.40
C ALA B 267 -35.77 13.88 4.11
N ASN B 268 -35.34 12.58 4.23
CA ASN B 268 -34.08 12.22 4.87
C ASN B 268 -32.86 12.67 4.02
N TYR B 269 -32.97 12.67 2.68
CA TYR B 269 -31.90 13.17 1.81
C TYR B 269 -31.71 14.66 2.03
N GLN B 270 -32.81 15.40 2.39
CA GLN B 270 -32.74 16.83 2.69
C GLN B 270 -32.12 17.04 4.05
N LYS B 271 -32.44 16.18 5.07
CA LYS B 271 -31.79 16.25 6.39
C LYS B 271 -30.27 16.09 6.22
N VAL B 272 -29.84 15.22 5.28
CA VAL B 272 -28.42 14.97 4.97
C VAL B 272 -27.68 16.27 4.54
N GLY B 273 -28.33 17.13 3.76
CA GLY B 273 -27.76 18.40 3.33
C GLY B 273 -27.87 19.52 4.35
N MET B 274 -28.70 19.32 5.39
CA MET B 274 -28.93 20.32 6.42
C MET B 274 -28.25 20.03 7.80
N GLN B 275 -27.08 19.39 7.80
CA GLN B 275 -26.22 19.10 8.96
C GLN B 275 -24.87 18.54 8.49
N LYS B 276 -23.81 18.67 9.31
CA LYS B 276 -22.48 18.23 8.90
C LYS B 276 -22.47 16.73 8.79
N TYR B 277 -22.98 16.03 9.80
CA TYR B 277 -23.06 14.59 9.78
C TYR B 277 -24.45 14.15 10.20
N SER B 278 -24.85 12.96 9.72
CA SER B 278 -26.15 12.40 10.05
C SER B 278 -26.07 10.91 10.27
N THR B 279 -26.87 10.41 11.20
CA THR B 279 -26.89 8.99 11.51
C THR B 279 -28.20 8.34 11.04
N LEU B 280 -28.06 7.21 10.34
CA LEU B 280 -29.20 6.46 9.83
C LEU B 280 -29.24 5.08 10.47
N GLN B 281 -30.26 4.83 11.29
CA GLN B 281 -30.46 3.50 11.84
C GLN B 281 -31.39 2.73 10.87
N GLY B 282 -30.79 1.78 10.16
CA GLY B 282 -31.53 0.92 9.26
C GLY B 282 -31.58 -0.51 9.73
N PRO B 283 -32.69 -0.89 10.41
CA PRO B 283 -32.90 -2.31 10.79
C PRO B 283 -32.79 -3.30 9.59
N PRO B 284 -32.90 -4.63 9.82
CA PRO B 284 -32.78 -5.58 8.68
C PRO B 284 -33.83 -5.39 7.57
N GLY B 285 -33.38 -5.36 6.32
CA GLY B 285 -34.27 -5.26 5.17
C GLY B 285 -35.13 -4.00 5.05
N THR B 286 -34.71 -2.89 5.72
CA THR B 286 -35.43 -1.61 5.69
C THR B 286 -34.91 -0.67 4.57
N GLY B 287 -33.90 -1.08 3.80
CA GLY B 287 -33.42 -0.29 2.66
C GLY B 287 -32.20 0.59 2.84
N LYS B 288 -31.15 0.06 3.48
CA LYS B 288 -29.95 0.84 3.72
C LYS B 288 -29.17 1.15 2.43
N SER B 289 -28.81 0.13 1.63
CA SER B 289 -28.07 0.38 0.39
C SER B 289 -28.91 1.18 -0.61
N HIS B 290 -30.24 1.01 -0.55
CA HIS B 290 -31.20 1.72 -1.38
C HIS B 290 -31.11 3.21 -1.03
N PHE B 291 -31.16 3.55 0.29
CA PHE B 291 -30.95 4.90 0.78
C PHE B 291 -29.59 5.45 0.30
N ALA B 292 -28.49 4.70 0.54
CA ALA B 292 -27.17 5.15 0.13
C ALA B 292 -27.02 5.48 -1.36
N ILE B 293 -27.51 4.60 -2.25
CA ILE B 293 -27.35 4.82 -3.69
C ILE B 293 -28.29 5.89 -4.19
N GLY B 294 -29.50 5.91 -3.65
CA GLY B 294 -30.48 6.93 -3.98
C GLY B 294 -30.03 8.35 -3.64
N LEU B 295 -29.21 8.51 -2.59
CA LEU B 295 -28.66 9.80 -2.20
C LEU B 295 -27.89 10.42 -3.38
N ALA B 296 -27.21 9.58 -4.18
CA ALA B 296 -26.45 9.99 -5.37
C ALA B 296 -27.36 10.44 -6.51
N LEU B 297 -28.54 9.86 -6.61
CA LEU B 297 -29.52 10.26 -7.62
C LEU B 297 -30.29 11.54 -7.18
N TYR B 298 -30.27 11.86 -5.88
CA TYR B 298 -30.89 13.04 -5.34
C TYR B 298 -29.96 14.22 -5.45
N TYR B 299 -28.67 14.06 -5.20
CA TYR B 299 -27.67 15.13 -5.38
C TYR B 299 -26.80 14.61 -6.47
N PRO B 300 -27.24 14.75 -7.73
CA PRO B 300 -26.52 14.07 -8.83
C PRO B 300 -25.19 14.66 -9.24
N SER B 301 -24.99 15.93 -8.92
CA SER B 301 -23.76 16.69 -9.17
C SER B 301 -22.67 16.27 -8.13
N ALA B 302 -23.12 15.98 -6.88
CA ALA B 302 -22.32 15.64 -5.71
C ALA B 302 -21.42 14.42 -5.86
N ARG B 303 -20.16 14.58 -5.44
CA ARG B 303 -19.14 13.53 -5.41
C ARG B 303 -19.34 12.72 -4.10
N ILE B 304 -19.50 11.39 -4.22
CA ILE B 304 -19.74 10.55 -3.06
C ILE B 304 -18.68 9.45 -2.92
N VAL B 305 -18.03 9.42 -1.74
CA VAL B 305 -17.11 8.37 -1.40
C VAL B 305 -17.90 7.41 -0.48
N TYR B 306 -18.04 6.14 -0.90
CA TYR B 306 -18.75 5.07 -0.19
C TYR B 306 -17.73 4.21 0.51
N THR B 307 -17.88 4.11 1.84
CA THR B 307 -16.94 3.39 2.68
C THR B 307 -17.64 2.46 3.63
N ALA B 308 -16.92 1.42 4.03
CA ALA B 308 -17.28 0.39 4.99
C ALA B 308 -15.97 -0.31 5.45
N CYS B 309 -16.03 -1.07 6.56
CA CYS B 309 -14.84 -1.74 7.08
C CYS B 309 -14.45 -2.93 6.23
N SER B 310 -15.44 -3.77 5.89
CA SER B 310 -15.22 -4.99 5.10
C SER B 310 -15.34 -4.79 3.58
N HIS B 311 -14.63 -5.64 2.84
CA HIS B 311 -14.70 -5.62 1.38
C HIS B 311 -16.08 -6.04 0.93
N ALA B 312 -16.76 -6.98 1.64
CA ALA B 312 -18.12 -7.44 1.34
C ALA B 312 -19.14 -6.31 1.43
N ALA B 313 -18.95 -5.37 2.37
CA ALA B 313 -19.88 -4.25 2.53
C ALA B 313 -19.62 -3.17 1.47
N VAL B 314 -18.34 -2.95 1.08
CA VAL B 314 -18.03 -1.98 0.02
C VAL B 314 -18.51 -2.51 -1.34
N ASP B 315 -18.50 -3.86 -1.53
CA ASP B 315 -18.96 -4.60 -2.70
C ASP B 315 -20.47 -4.63 -2.77
N ALA B 316 -21.16 -4.75 -1.63
CA ALA B 316 -22.62 -4.69 -1.59
C ALA B 316 -23.06 -3.29 -2.03
N LEU B 317 -22.30 -2.20 -1.68
CA LEU B 317 -22.63 -0.85 -2.16
C LEU B 317 -22.36 -0.71 -3.67
N CYS B 318 -21.31 -1.37 -4.17
CA CYS B 318 -20.94 -1.42 -5.56
C CYS B 318 -22.05 -2.10 -6.39
N GLU B 319 -22.61 -3.26 -5.92
CA GLU B 319 -23.65 -4.00 -6.62
C GLU B 319 -24.94 -3.19 -6.74
N LYS B 320 -25.27 -2.41 -5.71
CA LYS B 320 -26.44 -1.53 -5.74
C LYS B 320 -26.14 -0.31 -6.68
N ALA B 321 -24.91 0.22 -6.70
CA ALA B 321 -24.51 1.32 -7.58
C ALA B 321 -24.47 0.93 -9.06
N LEU B 322 -24.10 -0.32 -9.34
CA LEU B 322 -24.01 -0.85 -10.70
C LEU B 322 -25.39 -0.81 -11.38
N LYS B 323 -26.45 -1.02 -10.59
CA LYS B 323 -27.83 -0.99 -10.99
C LYS B 323 -28.35 0.45 -11.26
N TYR B 324 -28.08 1.43 -10.38
CA TYR B 324 -28.65 2.76 -10.50
C TYR B 324 -27.74 3.92 -10.98
N LEU B 325 -26.42 3.78 -10.86
CA LEU B 325 -25.50 4.85 -11.19
C LEU B 325 -24.61 4.55 -12.39
N PRO B 326 -24.20 5.59 -13.16
CA PRO B 326 -23.33 5.37 -14.34
C PRO B 326 -22.00 4.67 -14.02
N ILE B 327 -21.77 3.51 -14.65
CA ILE B 327 -20.57 2.71 -14.43
C ILE B 327 -19.25 3.44 -14.75
N ASP B 328 -19.28 4.40 -15.69
CA ASP B 328 -18.09 5.16 -16.02
C ASP B 328 -17.83 6.35 -15.05
N LYS B 329 -18.75 6.55 -14.07
CA LYS B 329 -18.65 7.54 -13.00
C LYS B 329 -18.21 6.86 -11.66
N CYS B 330 -17.90 5.53 -11.66
CA CYS B 330 -17.59 4.70 -10.50
C CYS B 330 -16.21 4.10 -10.50
N SER B 331 -15.62 4.06 -9.32
CA SER B 331 -14.31 3.49 -9.15
C SER B 331 -14.25 2.63 -7.90
N ARG B 332 -13.72 1.42 -8.02
CA ARG B 332 -13.55 0.55 -6.88
C ARG B 332 -12.04 0.61 -6.48
N ILE B 333 -11.74 1.17 -5.28
CA ILE B 333 -10.36 1.31 -4.80
C ILE B 333 -9.93 0.00 -4.14
N ILE B 334 -8.84 -0.57 -4.66
CA ILE B 334 -8.31 -1.84 -4.23
C ILE B 334 -6.89 -1.69 -3.70
N PRO B 335 -6.66 -2.09 -2.42
CA PRO B 335 -5.29 -1.99 -1.86
C PRO B 335 -4.31 -2.94 -2.58
N ALA B 336 -3.10 -2.45 -2.92
CA ALA B 336 -2.12 -3.31 -3.61
C ALA B 336 -1.66 -4.45 -2.71
N VAL B 340 -6.88 -10.68 -2.12
CA VAL B 340 -8.29 -10.40 -1.80
C VAL B 340 -9.19 -10.20 -3.05
N GLU B 341 -10.18 -11.11 -3.28
CA GLU B 341 -11.07 -10.93 -4.43
C GLU B 341 -12.35 -10.19 -4.04
N CYS B 342 -12.63 -9.13 -4.78
CA CYS B 342 -13.76 -8.28 -4.47
C CYS B 342 -14.60 -7.86 -5.73
N PHE B 343 -14.87 -6.56 -5.94
CA PHE B 343 -15.68 -6.07 -7.05
C PHE B 343 -14.81 -5.71 -8.25
N ASP B 344 -15.15 -6.21 -9.45
CA ASP B 344 -14.35 -5.90 -10.63
C ASP B 344 -15.14 -5.28 -11.78
N LYS B 345 -16.34 -4.76 -11.52
CA LYS B 345 -17.12 -4.12 -12.58
C LYS B 345 -16.83 -2.60 -12.72
N PHE B 346 -16.09 -1.97 -11.76
CA PHE B 346 -15.77 -0.54 -11.88
C PHE B 346 -14.32 -0.35 -12.30
N LYS B 347 -13.94 0.85 -12.78
CA LYS B 347 -12.52 1.12 -13.08
C LYS B 347 -11.76 1.12 -11.75
N VAL B 348 -10.64 0.39 -11.66
CA VAL B 348 -9.92 0.24 -10.40
C VAL B 348 -8.85 1.32 -10.15
N ASN B 349 -8.89 1.89 -8.92
CA ASN B 349 -7.97 2.85 -8.34
C ASN B 349 -8.00 4.26 -8.99
N SER B 350 -9.11 4.61 -9.64
CA SER B 350 -9.25 5.97 -10.19
C SER B 350 -9.84 6.79 -9.05
N THR B 351 -8.97 7.44 -8.28
CA THR B 351 -9.29 8.21 -7.07
C THR B 351 -10.22 9.42 -7.37
N LEU B 352 -10.14 9.98 -8.60
CA LEU B 352 -10.94 11.18 -8.93
C LEU B 352 -12.37 10.92 -9.46
N GLU B 353 -12.80 9.65 -9.62
CA GLU B 353 -14.14 9.34 -10.10
C GLU B 353 -15.22 9.94 -9.22
N GLN B 354 -16.34 10.40 -9.81
CA GLN B 354 -17.40 11.02 -8.99
C GLN B 354 -17.89 10.12 -7.87
N TYR B 355 -17.94 8.79 -8.11
CA TYR B 355 -18.35 7.79 -7.12
C TYR B 355 -17.18 6.88 -6.80
N VAL B 356 -16.65 6.97 -5.58
CA VAL B 356 -15.51 6.15 -5.18
C VAL B 356 -15.95 5.19 -4.12
N PHE B 357 -15.68 3.91 -4.30
CA PHE B 357 -16.07 2.87 -3.37
C PHE B 357 -14.80 2.29 -2.83
N CYS B 358 -14.60 2.35 -1.53
CA CYS B 358 -13.36 1.94 -0.94
C CYS B 358 -13.49 1.52 0.54
N THR B 359 -12.68 0.51 0.99
CA THR B 359 -12.71 0.13 2.42
C THR B 359 -11.95 1.21 3.24
N VAL B 360 -12.29 1.34 4.53
CA VAL B 360 -11.64 2.31 5.40
C VAL B 360 -10.09 2.18 5.38
N ASN B 361 -9.50 0.96 5.44
CA ASN B 361 -8.01 0.82 5.44
C ASN B 361 -7.33 1.25 4.12
N ALA B 362 -8.07 1.21 2.99
CA ALA B 362 -7.53 1.61 1.70
C ALA B 362 -7.89 3.04 1.25
N LEU B 363 -8.59 3.80 2.10
CA LEU B 363 -9.00 5.15 1.77
C LEU B 363 -7.86 6.05 1.42
N PRO B 364 -7.97 6.76 0.30
CA PRO B 364 -6.93 7.72 -0.05
C PRO B 364 -7.19 9.10 0.57
N GLU B 365 -6.20 10.00 0.45
CA GLU B 365 -6.32 11.35 0.99
C GLU B 365 -6.99 12.21 -0.05
N THR B 366 -8.29 12.36 0.10
CA THR B 366 -9.11 13.10 -0.84
C THR B 366 -10.24 13.89 -0.11
N THR B 367 -11.11 14.55 -0.88
CA THR B 367 -12.26 15.31 -0.38
C THR B 367 -13.53 14.84 -1.11
N ALA B 368 -14.70 15.11 -0.53
CA ALA B 368 -15.96 14.71 -1.13
C ALA B 368 -17.10 15.65 -0.76
N ASP B 369 -18.16 15.67 -1.56
CA ASP B 369 -19.34 16.46 -1.25
C ASP B 369 -20.09 15.69 -0.11
N ILE B 370 -20.25 14.37 -0.25
CA ILE B 370 -20.85 13.50 0.76
C ILE B 370 -19.96 12.28 0.95
N VAL B 371 -19.86 11.78 2.18
CA VAL B 371 -19.17 10.54 2.46
C VAL B 371 -20.19 9.64 3.14
N VAL B 372 -20.45 8.48 2.58
CA VAL B 372 -21.37 7.52 3.16
C VAL B 372 -20.50 6.43 3.81
N PHE B 373 -20.75 6.10 5.08
CA PHE B 373 -20.04 5.06 5.83
C PHE B 373 -21.12 4.09 6.28
N ASP B 374 -21.17 2.91 5.64
CA ASP B 374 -22.16 1.87 5.90
C ASP B 374 -21.62 0.80 6.89
N GLU B 375 -22.55 0.01 7.45
CA GLU B 375 -22.38 -1.05 8.43
C GLU B 375 -21.66 -0.47 9.61
N ILE B 376 -22.22 0.64 10.17
CA ILE B 376 -21.61 1.46 11.23
C ILE B 376 -21.47 0.68 12.53
N SER B 377 -22.32 -0.33 12.85
CA SER B 377 -22.09 -1.13 14.07
C SER B 377 -20.77 -1.94 14.00
N MET B 378 -20.32 -2.27 12.78
CA MET B 378 -19.04 -2.97 12.60
C MET B 378 -17.81 -2.09 12.73
N ALA B 379 -17.97 -0.76 12.73
CA ALA B 379 -16.83 0.14 12.84
C ALA B 379 -16.36 0.23 14.29
N THR B 380 -15.06 0.52 14.45
CA THR B 380 -14.46 0.82 15.75
C THR B 380 -14.17 2.32 15.74
N ASN B 381 -13.77 2.88 16.90
CA ASN B 381 -13.37 4.28 16.94
C ASN B 381 -12.09 4.49 16.11
N TYR B 382 -11.26 3.44 15.95
CA TYR B 382 -10.10 3.52 15.12
C TYR B 382 -10.51 3.82 13.65
N ASP B 383 -11.52 3.10 13.18
CA ASP B 383 -12.03 3.25 11.82
C ASP B 383 -12.63 4.65 11.61
N LEU B 384 -13.44 5.11 12.60
CA LEU B 384 -14.06 6.44 12.59
C LEU B 384 -13.00 7.55 12.42
N SER B 385 -11.88 7.45 13.17
CA SER B 385 -10.82 8.44 13.10
C SER B 385 -10.10 8.42 11.75
N VAL B 386 -9.80 7.21 11.21
CA VAL B 386 -9.15 7.04 9.92
C VAL B 386 -9.99 7.68 8.81
N VAL B 387 -11.32 7.48 8.88
CA VAL B 387 -12.23 8.07 7.91
C VAL B 387 -12.13 9.62 7.95
N ASN B 388 -12.23 10.24 9.15
CA ASN B 388 -12.11 11.70 9.27
C ASN B 388 -10.72 12.25 8.91
N ALA B 389 -9.69 11.39 8.96
CA ALA B 389 -8.31 11.73 8.63
C ALA B 389 -8.04 11.71 7.17
N ARG B 390 -8.65 10.74 6.45
CA ARG B 390 -8.41 10.59 5.04
C ARG B 390 -9.32 11.49 4.18
N LEU B 391 -10.63 11.57 4.55
CA LEU B 391 -11.69 12.26 3.79
C LEU B 391 -12.18 13.55 4.42
N ARG B 392 -12.02 14.67 3.71
CA ARG B 392 -12.54 15.96 4.21
C ARG B 392 -13.85 16.24 3.40
N ALA B 393 -15.03 16.08 4.02
CA ALA B 393 -16.30 16.19 3.32
C ALA B 393 -17.29 17.28 3.80
N LYS B 394 -18.16 17.77 2.89
CA LYS B 394 -19.20 18.73 3.24
C LYS B 394 -20.21 18.04 4.19
N HIS B 395 -20.53 16.78 3.90
CA HIS B 395 -21.48 15.98 4.65
C HIS B 395 -20.97 14.55 4.89
N TYR B 396 -21.33 13.97 6.02
CA TYR B 396 -20.93 12.61 6.40
C TYR B 396 -22.19 11.89 6.80
N VAL B 397 -22.44 10.70 6.21
CA VAL B 397 -23.62 9.92 6.54
C VAL B 397 -23.19 8.57 7.10
N TYR B 398 -23.64 8.22 8.30
CA TYR B 398 -23.29 6.97 8.95
C TYR B 398 -24.50 6.10 8.94
N ILE B 399 -24.45 5.02 8.17
CA ILE B 399 -25.55 4.06 8.00
C ILE B 399 -25.19 2.74 8.69
N GLY B 400 -26.16 2.19 9.39
CA GLY B 400 -25.98 0.94 10.09
C GLY B 400 -27.08 0.69 11.09
N ASP B 401 -26.83 -0.18 12.06
CA ASP B 401 -27.84 -0.49 13.05
C ASP B 401 -27.16 -0.89 14.36
N PRO B 402 -27.29 -0.07 15.45
CA PRO B 402 -26.66 -0.44 16.74
C PRO B 402 -27.30 -1.68 17.38
N ALA B 403 -28.39 -2.22 16.79
CA ALA B 403 -29.08 -3.45 17.19
C ALA B 403 -28.54 -4.70 16.44
N GLN B 404 -27.50 -4.51 15.61
CA GLN B 404 -26.82 -5.58 14.89
C GLN B 404 -25.41 -5.79 15.49
N LEU B 405 -24.71 -6.79 15.00
CA LEU B 405 -23.43 -7.18 15.56
C LEU B 405 -22.32 -6.15 15.37
N PRO B 406 -21.53 -5.95 16.45
CA PRO B 406 -20.38 -5.03 16.36
C PRO B 406 -19.14 -5.74 15.85
N ALA B 407 -18.01 -5.04 15.72
CA ALA B 407 -16.74 -5.69 15.38
C ALA B 407 -16.36 -6.60 16.57
N PRO B 408 -15.88 -7.81 16.31
CA PRO B 408 -15.50 -8.69 17.43
C PRO B 408 -14.33 -8.10 18.20
N ARG B 409 -14.44 -8.08 19.52
CA ARG B 409 -13.37 -7.59 20.36
C ARG B 409 -12.71 -8.84 20.91
N THR B 410 -11.63 -9.29 20.26
CA THR B 410 -10.94 -10.55 20.60
C THR B 410 -10.45 -10.62 22.03
N LEU B 411 -9.99 -9.50 22.62
CA LEU B 411 -9.47 -9.53 23.98
C LEU B 411 -10.54 -9.49 25.06
N LEU B 412 -11.76 -9.05 24.74
CA LEU B 412 -12.82 -8.93 25.73
C LEU B 412 -13.45 -10.27 26.14
N THR B 413 -13.33 -10.61 27.44
CA THR B 413 -13.89 -11.85 28.00
C THR B 413 -14.76 -11.59 29.24
N LYS B 414 -14.61 -10.44 29.91
CA LYS B 414 -15.40 -10.15 31.11
C LYS B 414 -16.38 -9.02 30.92
N GLY B 415 -17.66 -9.38 30.87
CA GLY B 415 -18.74 -8.41 30.70
C GLY B 415 -19.20 -8.35 29.27
N THR B 416 -20.42 -7.83 29.05
CA THR B 416 -20.95 -7.69 27.71
C THR B 416 -20.86 -6.23 27.25
N LEU B 417 -20.36 -6.00 26.03
CA LEU B 417 -20.25 -4.66 25.41
C LEU B 417 -21.61 -4.17 24.88
N GLU B 418 -22.22 -3.15 25.51
CA GLU B 418 -23.51 -2.64 25.06
C GLU B 418 -23.43 -1.77 23.77
N PRO B 419 -24.52 -1.69 22.95
CA PRO B 419 -24.48 -0.93 21.68
C PRO B 419 -23.99 0.52 21.77
N GLU B 420 -24.35 1.25 22.85
CA GLU B 420 -23.86 2.61 23.03
C GLU B 420 -22.32 2.68 23.17
N TYR B 421 -21.62 1.53 23.27
CA TYR B 421 -20.18 1.51 23.43
C TYR B 421 -19.43 0.88 22.23
N PHE B 422 -20.13 0.61 21.08
CA PHE B 422 -19.49 -0.01 19.92
C PHE B 422 -18.53 0.99 19.31
N ASN B 423 -19.01 2.21 19.10
CA ASN B 423 -18.23 3.33 18.58
C ASN B 423 -18.96 4.64 18.93
N SER B 424 -18.39 5.79 18.53
CA SER B 424 -18.98 7.09 18.83
C SER B 424 -20.32 7.31 18.14
N VAL B 425 -20.51 6.74 16.92
CA VAL B 425 -21.75 6.85 16.17
C VAL B 425 -22.87 6.08 16.84
N CYS B 426 -22.57 4.85 17.26
CA CYS B 426 -23.52 3.99 17.96
C CYS B 426 -23.87 4.56 19.31
N ARG B 427 -22.90 5.24 19.98
CA ARG B 427 -23.11 5.95 21.23
C ARG B 427 -24.19 7.03 21.00
N LEU B 428 -24.06 7.78 19.90
CA LEU B 428 -25.07 8.77 19.54
C LEU B 428 -26.44 8.16 19.26
N MET B 429 -26.52 7.11 18.40
CA MET B 429 -27.79 6.46 18.07
C MET B 429 -28.51 5.84 19.28
N LYS B 430 -27.78 5.52 20.35
CA LYS B 430 -28.42 4.94 21.54
C LYS B 430 -28.70 5.99 22.64
N THR B 431 -27.98 7.12 22.61
CA THR B 431 -28.18 8.17 23.61
C THR B 431 -29.14 9.29 23.11
N ILE B 432 -28.80 10.00 22.02
CA ILE B 432 -29.69 11.03 21.47
C ILE B 432 -30.66 10.52 20.37
N GLY B 433 -30.56 9.24 20.02
CA GLY B 433 -31.35 8.64 18.95
C GLY B 433 -30.73 8.89 17.58
N PRO B 434 -31.08 8.10 16.55
CA PRO B 434 -30.52 8.36 15.21
C PRO B 434 -31.27 9.51 14.53
N ASP B 435 -30.56 10.26 13.66
CA ASP B 435 -31.20 11.37 12.95
C ASP B 435 -32.35 10.85 12.05
N MET B 436 -32.08 9.72 11.38
CA MET B 436 -32.99 9.13 10.44
C MET B 436 -33.17 7.68 10.78
N PHE B 437 -34.39 7.19 10.59
CA PHE B 437 -34.69 5.80 10.88
C PHE B 437 -35.56 5.14 9.78
N LEU B 438 -35.04 4.08 9.11
CA LEU B 438 -35.79 3.32 8.11
C LEU B 438 -36.71 2.37 8.90
N GLY B 439 -37.98 2.73 8.97
CA GLY B 439 -38.95 2.01 9.79
C GLY B 439 -39.75 0.89 9.19
N THR B 440 -39.70 0.64 7.86
CA THR B 440 -40.49 -0.48 7.35
C THR B 440 -39.58 -1.62 6.82
N CYS B 441 -39.68 -2.83 7.44
CA CYS B 441 -38.92 -4.02 7.06
C CYS B 441 -39.60 -4.71 5.91
N ARG B 442 -38.92 -4.81 4.75
CA ARG B 442 -39.48 -5.44 3.56
C ARG B 442 -39.34 -6.96 3.54
N ARG B 443 -38.28 -7.47 4.12
CA ARG B 443 -37.86 -8.84 4.01
C ARG B 443 -38.62 -9.89 4.83
N CYS B 444 -38.85 -9.61 6.10
CA CYS B 444 -39.31 -10.64 7.02
C CYS B 444 -40.81 -10.80 7.19
N PRO B 445 -41.25 -12.05 7.48
CA PRO B 445 -42.65 -12.26 7.85
C PRO B 445 -42.99 -11.46 9.11
N ALA B 446 -44.21 -10.92 9.23
CA ALA B 446 -44.61 -10.15 10.41
C ALA B 446 -44.25 -10.79 11.78
N GLU B 447 -44.23 -12.13 11.93
CA GLU B 447 -43.84 -12.76 13.20
C GLU B 447 -42.42 -12.35 13.60
N ILE B 448 -41.47 -12.39 12.64
CA ILE B 448 -40.10 -11.99 12.85
C ILE B 448 -40.02 -10.48 13.08
N VAL B 449 -40.71 -9.68 12.24
CA VAL B 449 -40.70 -8.21 12.37
C VAL B 449 -41.23 -7.72 13.75
N ASP B 450 -42.38 -8.26 14.21
CA ASP B 450 -42.98 -7.88 15.47
C ASP B 450 -42.08 -8.25 16.66
N THR B 451 -41.32 -9.38 16.55
CA THR B 451 -40.41 -9.89 17.61
C THR B 451 -39.21 -9.03 17.79
N VAL B 452 -38.50 -8.68 16.69
CA VAL B 452 -37.34 -7.80 16.77
C VAL B 452 -37.75 -6.34 17.08
N SER B 453 -38.95 -5.94 16.64
CA SER B 453 -39.49 -4.60 16.88
C SER B 453 -39.61 -4.38 18.40
N ALA B 454 -40.21 -5.33 19.14
CA ALA B 454 -40.34 -5.23 20.60
C ALA B 454 -39.00 -5.45 21.34
N LEU B 455 -38.18 -6.40 20.85
CA LEU B 455 -36.89 -6.75 21.41
C LEU B 455 -35.84 -5.64 21.36
N VAL B 456 -35.55 -5.06 20.17
CA VAL B 456 -34.47 -4.08 20.06
C VAL B 456 -34.83 -2.74 19.40
N TYR B 457 -36.09 -2.53 18.92
CA TYR B 457 -36.40 -1.30 18.16
C TYR B 457 -37.41 -0.37 18.77
N ASP B 458 -37.88 -0.64 20.00
CA ASP B 458 -38.87 0.18 20.70
C ASP B 458 -40.22 0.19 19.99
N ASN B 459 -40.60 -0.94 19.40
CA ASN B 459 -41.85 -1.12 18.67
C ASN B 459 -42.01 -0.15 17.49
N LYS B 460 -40.89 0.33 16.92
CA LYS B 460 -40.85 1.25 15.75
C LYS B 460 -40.60 0.54 14.42
N LEU B 461 -40.33 -0.78 14.44
CA LEU B 461 -40.13 -1.50 13.19
C LEU B 461 -41.49 -2.02 12.72
N LYS B 462 -41.87 -1.64 11.50
CA LYS B 462 -43.15 -2.03 10.95
C LYS B 462 -43.00 -3.13 9.89
N ALA B 463 -43.97 -4.07 9.85
CA ALA B 463 -43.90 -5.19 8.93
C ALA B 463 -44.55 -4.87 7.63
N HIS B 464 -43.77 -4.91 6.54
CA HIS B 464 -44.29 -4.69 5.20
C HIS B 464 -45.07 -5.96 4.75
N LYS B 465 -44.52 -7.14 5.01
CA LYS B 465 -45.20 -8.39 4.67
C LYS B 465 -46.24 -8.73 5.77
N ASP B 466 -47.12 -9.68 5.47
CA ASP B 466 -48.04 -10.23 6.47
C ASP B 466 -47.27 -11.39 7.21
N LYS B 467 -47.93 -12.02 8.21
CA LYS B 467 -47.39 -13.18 8.89
C LYS B 467 -47.36 -14.33 7.88
N SER B 468 -46.24 -15.02 7.78
CA SER B 468 -46.10 -16.13 6.84
C SER B 468 -46.73 -17.42 7.36
N ALA B 469 -46.97 -17.51 8.70
CA ALA B 469 -47.39 -18.71 9.43
C ALA B 469 -46.42 -19.88 9.22
N GLN B 470 -45.15 -19.55 8.99
CA GLN B 470 -44.04 -20.46 8.77
C GLN B 470 -42.89 -20.14 9.76
N CYS B 471 -43.19 -19.51 10.90
CA CYS B 471 -42.23 -19.13 11.92
C CYS B 471 -42.56 -19.96 13.17
N PHE B 472 -41.70 -20.95 13.46
CA PHE B 472 -41.87 -21.88 14.57
C PHE B 472 -40.76 -21.74 15.59
N LYS B 473 -41.10 -22.01 16.84
CA LYS B 473 -40.17 -21.98 17.95
C LYS B 473 -40.37 -23.28 18.78
N MET B 474 -39.27 -23.87 19.25
N MET B 474 -39.27 -23.86 19.26
CA MET B 474 -39.32 -25.06 20.08
CA MET B 474 -39.32 -25.07 20.07
C MET B 474 -38.39 -24.86 21.25
C MET B 474 -38.38 -24.88 21.24
N PHE B 475 -38.85 -25.18 22.45
CA PHE B 475 -38.01 -25.05 23.63
C PHE B 475 -37.37 -26.42 23.89
N TYR B 476 -36.09 -26.58 23.49
CA TYR B 476 -35.38 -27.84 23.67
C TYR B 476 -33.94 -27.60 24.11
N LYS B 477 -33.62 -27.80 25.42
CA LYS B 477 -32.26 -27.51 25.89
C LYS B 477 -31.18 -28.52 25.40
N GLY B 478 -31.60 -29.76 25.13
CA GLY B 478 -30.75 -30.82 24.59
C GLY B 478 -29.57 -31.22 25.44
N VAL B 479 -28.38 -31.36 24.82
CA VAL B 479 -27.14 -31.72 25.47
C VAL B 479 -26.05 -30.86 24.88
N ILE B 480 -25.36 -30.09 25.71
CA ILE B 480 -24.27 -29.26 25.23
C ILE B 480 -22.94 -29.94 25.45
N THR B 481 -22.20 -30.14 24.36
CA THR B 481 -20.86 -30.67 24.41
C THR B 481 -19.92 -29.54 23.95
N HIS B 482 -18.76 -29.43 24.60
CA HIS B 482 -17.81 -28.39 24.28
C HIS B 482 -16.58 -28.96 23.63
N ASP B 483 -15.91 -28.14 22.85
CA ASP B 483 -14.63 -28.52 22.28
C ASP B 483 -13.63 -27.37 22.56
N VAL B 484 -12.49 -27.39 21.86
CA VAL B 484 -11.40 -26.43 22.00
C VAL B 484 -11.89 -24.96 22.25
N SER B 485 -12.91 -24.49 21.50
CA SER B 485 -13.39 -23.11 21.66
C SER B 485 -14.81 -22.91 21.12
N SER B 486 -15.64 -23.96 21.15
CA SER B 486 -17.01 -23.85 20.63
C SER B 486 -17.96 -24.83 21.32
N ALA B 487 -19.28 -24.73 21.01
CA ALA B 487 -20.27 -25.66 21.56
C ALA B 487 -21.00 -26.41 20.42
N ILE B 488 -21.51 -27.58 20.77
CA ILE B 488 -22.26 -28.49 19.93
C ILE B 488 -23.48 -28.97 20.74
N ASN B 489 -24.63 -29.13 20.07
CA ASN B 489 -25.84 -29.63 20.69
C ASN B 489 -26.47 -30.59 19.67
N ARG B 490 -25.99 -31.85 19.67
CA ARG B 490 -26.49 -32.89 18.77
C ARG B 490 -27.98 -33.14 18.94
N PRO B 491 -28.59 -33.19 20.15
CA PRO B 491 -30.05 -33.35 20.25
C PRO B 491 -30.87 -32.24 19.56
N GLN B 492 -30.32 -31.00 19.46
CA GLN B 492 -30.94 -29.87 18.74
C GLN B 492 -30.84 -30.06 17.21
N ILE B 493 -29.73 -30.63 16.72
CA ILE B 493 -29.59 -30.98 15.28
C ILE B 493 -30.47 -32.19 14.96
N GLY B 494 -30.66 -33.10 15.92
CA GLY B 494 -31.51 -34.28 15.81
C GLY B 494 -32.98 -33.89 15.72
N VAL B 495 -33.37 -32.89 16.48
CA VAL B 495 -34.73 -32.36 16.45
C VAL B 495 -35.00 -31.71 15.06
N VAL B 496 -33.97 -31.06 14.44
CA VAL B 496 -34.07 -30.44 13.10
C VAL B 496 -34.22 -31.52 12.05
N ARG B 497 -33.44 -32.60 12.19
CA ARG B 497 -33.46 -33.78 11.32
C ARG B 497 -34.87 -34.39 11.29
N GLU B 498 -35.53 -34.52 12.46
CA GLU B 498 -36.89 -35.07 12.58
C GLU B 498 -37.96 -34.12 12.05
N PHE B 499 -37.69 -32.79 12.10
CA PHE B 499 -38.59 -31.77 11.57
C PHE B 499 -38.53 -31.79 10.05
N LEU B 500 -37.32 -31.91 9.47
CA LEU B 500 -37.09 -31.92 8.02
C LEU B 500 -37.72 -33.11 7.31
N THR B 501 -37.81 -34.29 7.96
CA THR B 501 -38.44 -35.47 7.36
C THR B 501 -39.94 -35.21 7.11
N ARG B 502 -40.60 -34.54 8.06
CA ARG B 502 -42.01 -34.18 8.03
C ARG B 502 -42.28 -32.84 7.29
N ASN B 503 -41.23 -32.01 7.07
CA ASN B 503 -41.34 -30.70 6.41
C ASN B 503 -40.27 -30.56 5.34
N PRO B 504 -40.38 -31.35 4.26
CA PRO B 504 -39.33 -31.34 3.23
C PRO B 504 -39.17 -30.05 2.46
N ALA B 505 -40.16 -29.13 2.50
CA ALA B 505 -39.99 -27.81 1.86
C ALA B 505 -38.81 -27.05 2.53
N TRP B 506 -38.56 -27.34 3.81
CA TRP B 506 -37.47 -26.78 4.58
C TRP B 506 -36.10 -27.36 4.20
N ARG B 507 -35.99 -28.28 3.23
CA ARG B 507 -34.67 -28.75 2.80
C ARG B 507 -33.89 -27.65 2.06
N LYS B 508 -34.56 -26.60 1.57
CA LYS B 508 -33.91 -25.44 0.94
C LYS B 508 -33.41 -24.41 2.01
N ALA B 509 -33.64 -24.66 3.32
CA ALA B 509 -33.25 -23.77 4.39
C ALA B 509 -31.75 -23.71 4.62
N VAL B 510 -31.29 -22.54 5.13
CA VAL B 510 -29.93 -22.30 5.58
C VAL B 510 -29.94 -22.55 7.08
N PHE B 511 -28.96 -23.34 7.57
CA PHE B 511 -28.79 -23.63 9.00
C PHE B 511 -27.94 -22.53 9.66
N ILE B 512 -28.47 -21.93 10.72
CA ILE B 512 -27.78 -20.89 11.46
C ILE B 512 -27.67 -21.26 12.96
N SER B 513 -26.50 -21.04 13.55
CA SER B 513 -26.25 -21.25 14.97
C SER B 513 -25.15 -20.27 15.41
N PRO B 514 -25.07 -19.98 16.72
CA PRO B 514 -24.00 -19.08 17.19
C PRO B 514 -22.58 -19.65 17.21
N TYR B 515 -22.41 -20.98 16.97
CA TYR B 515 -21.13 -21.69 17.06
C TYR B 515 -20.78 -22.42 15.79
N ASN B 516 -19.53 -22.28 15.31
CA ASN B 516 -19.08 -22.97 14.10
C ASN B 516 -19.00 -24.49 14.29
N SER B 517 -18.75 -24.97 15.53
CA SER B 517 -18.70 -26.40 15.78
C SER B 517 -20.06 -27.03 15.64
N GLN B 518 -21.14 -26.34 16.08
CA GLN B 518 -22.51 -26.79 15.93
C GLN B 518 -22.84 -26.92 14.43
N ASN B 519 -22.42 -25.91 13.65
CA ASN B 519 -22.59 -25.78 12.21
C ASN B 519 -21.89 -26.90 11.43
N ALA B 520 -20.66 -27.26 11.85
CA ALA B 520 -19.85 -28.32 11.24
C ALA B 520 -20.55 -29.66 11.38
N VAL B 521 -21.15 -29.92 12.57
CA VAL B 521 -21.92 -31.12 12.88
C VAL B 521 -23.23 -31.17 12.07
N ALA B 522 -24.01 -30.06 12.07
CA ALA B 522 -25.29 -29.90 11.37
C ALA B 522 -25.14 -29.99 9.84
N SER B 523 -23.98 -29.61 9.32
CA SER B 523 -23.69 -29.69 7.90
C SER B 523 -23.55 -31.17 7.51
N LYS B 524 -22.86 -31.96 8.34
CA LYS B 524 -22.68 -33.38 8.06
C LYS B 524 -23.98 -34.19 8.28
N ILE B 525 -24.76 -33.91 9.33
CA ILE B 525 -26.00 -34.62 9.64
C ILE B 525 -27.22 -34.17 8.81
N LEU B 526 -27.37 -32.87 8.59
CA LEU B 526 -28.53 -32.34 7.83
C LEU B 526 -28.20 -32.08 6.38
N GLY B 527 -26.95 -31.77 6.08
CA GLY B 527 -26.55 -31.44 4.72
C GLY B 527 -26.95 -30.04 4.28
N LEU B 528 -27.64 -29.29 5.15
CA LEU B 528 -28.03 -27.91 4.90
C LEU B 528 -26.81 -27.03 4.78
N PRO B 529 -26.88 -25.92 3.98
CA PRO B 529 -25.77 -24.95 4.02
C PRO B 529 -25.74 -24.28 5.42
N THR B 530 -24.56 -23.96 5.96
CA THR B 530 -24.49 -23.39 7.33
C THR B 530 -23.82 -22.00 7.41
N GLN B 531 -24.35 -21.16 8.32
CA GLN B 531 -23.83 -19.82 8.65
C GLN B 531 -23.81 -19.61 10.14
N THR B 532 -22.77 -18.92 10.63
CA THR B 532 -22.81 -18.50 12.03
C THR B 532 -23.68 -17.25 12.04
N VAL B 533 -24.31 -16.91 13.18
CA VAL B 533 -25.11 -15.67 13.23
C VAL B 533 -24.34 -14.42 12.72
N ASP B 534 -23.07 -14.35 13.10
CA ASP B 534 -22.15 -13.30 12.72
C ASP B 534 -21.85 -13.28 11.22
N SER B 535 -21.56 -14.43 10.60
CA SER B 535 -21.31 -14.47 9.15
C SER B 535 -22.59 -14.33 8.32
N SER B 536 -23.79 -14.52 8.94
CA SER B 536 -25.05 -14.36 8.24
C SER B 536 -25.49 -12.88 8.15
N GLN B 537 -24.83 -11.95 8.89
CA GLN B 537 -25.13 -10.49 8.93
C GLN B 537 -25.00 -9.90 7.52
N GLY B 538 -26.06 -9.24 7.05
CA GLY B 538 -26.08 -8.67 5.72
C GLY B 538 -26.68 -9.55 4.62
N SER B 539 -26.89 -10.84 4.90
CA SER B 539 -27.43 -11.83 3.95
C SER B 539 -28.89 -12.19 4.26
N GLU B 540 -29.62 -12.71 3.24
CA GLU B 540 -31.02 -13.13 3.45
C GLU B 540 -31.27 -14.47 2.81
N TYR B 541 -32.14 -15.26 3.42
CA TYR B 541 -32.49 -16.61 3.02
C TYR B 541 -34.01 -16.79 3.10
N ASP B 542 -34.61 -17.63 2.23
CA ASP B 542 -36.06 -17.88 2.28
C ASP B 542 -36.42 -18.57 3.57
N TYR B 543 -35.74 -19.67 3.88
CA TYR B 543 -35.98 -20.40 5.12
C TYR B 543 -34.70 -20.46 5.92
N VAL B 544 -34.82 -20.34 7.24
CA VAL B 544 -33.68 -20.37 8.15
C VAL B 544 -34.00 -21.35 9.25
N ILE B 545 -33.07 -22.24 9.56
CA ILE B 545 -33.21 -23.11 10.72
C ILE B 545 -32.15 -22.69 11.71
N PHE B 546 -32.56 -22.21 12.86
CA PHE B 546 -31.65 -21.74 13.88
C PHE B 546 -31.70 -22.61 15.13
N THR B 547 -30.56 -23.20 15.53
CA THR B 547 -30.48 -23.91 16.82
C THR B 547 -29.62 -23.00 17.73
N GLN B 548 -30.14 -22.60 18.89
CA GLN B 548 -29.42 -21.72 19.79
C GLN B 548 -28.11 -22.32 20.36
N THR B 549 -28.04 -23.68 20.39
CA THR B 549 -26.91 -24.51 20.87
C THR B 549 -26.76 -24.47 22.43
N THR B 550 -26.61 -23.26 23.01
CA THR B 550 -26.45 -23.05 24.46
C THR B 550 -27.33 -21.85 24.98
N GLU B 551 -27.43 -21.67 26.32
CA GLU B 551 -28.09 -20.48 26.86
C GLU B 551 -27.06 -19.67 27.60
N THR B 552 -25.96 -19.36 26.91
CA THR B 552 -24.86 -18.52 27.38
C THR B 552 -25.09 -17.03 27.05
N ALA B 553 -24.19 -16.12 27.48
CA ALA B 553 -24.28 -14.70 27.16
C ALA B 553 -24.05 -14.43 25.65
N HIS B 554 -23.29 -15.33 24.97
CA HIS B 554 -22.99 -15.23 23.53
C HIS B 554 -24.22 -15.56 22.68
N SER B 555 -24.86 -16.71 22.97
CA SER B 555 -26.01 -17.13 22.22
C SER B 555 -27.29 -16.37 22.64
N CYS B 556 -27.31 -15.75 23.86
CA CYS B 556 -28.47 -14.95 24.27
C CYS B 556 -28.33 -13.47 24.03
N ASN B 557 -27.25 -13.05 23.36
CA ASN B 557 -27.03 -11.63 23.04
C ASN B 557 -28.17 -11.17 22.14
N VAL B 558 -28.88 -10.09 22.52
CA VAL B 558 -30.04 -9.65 21.77
C VAL B 558 -29.68 -9.17 20.39
N ASN B 559 -28.46 -8.62 20.19
CA ASN B 559 -28.04 -8.16 18.87
C ASN B 559 -27.81 -9.33 17.94
N ARG B 560 -27.18 -10.40 18.47
CA ARG B 560 -26.94 -11.63 17.73
C ARG B 560 -28.30 -12.30 17.45
N PHE B 561 -29.19 -12.34 18.44
CA PHE B 561 -30.51 -12.91 18.27
C PHE B 561 -31.34 -12.19 17.21
N ASN B 562 -31.17 -10.85 17.16
CA ASN B 562 -31.81 -9.96 16.20
C ASN B 562 -31.34 -10.36 14.80
N VAL B 563 -30.01 -10.43 14.57
CA VAL B 563 -29.43 -10.83 13.28
C VAL B 563 -29.88 -12.26 12.90
N ALA B 564 -29.88 -13.18 13.87
CA ALA B 564 -30.28 -14.55 13.61
C ALA B 564 -31.68 -14.69 12.97
N ILE B 565 -32.74 -14.14 13.60
CA ILE B 565 -34.08 -14.34 13.11
C ILE B 565 -34.44 -13.41 11.93
N THR B 566 -33.76 -12.26 11.77
CA THR B 566 -34.05 -11.35 10.64
C THR B 566 -33.34 -11.76 9.29
N ARG B 567 -32.79 -13.01 9.21
CA ARG B 567 -32.20 -13.48 7.95
C ARG B 567 -33.27 -14.05 7.00
N ALA B 568 -34.41 -14.53 7.57
CA ALA B 568 -35.54 -15.18 6.90
C ALA B 568 -36.50 -14.27 6.18
N LYS B 569 -36.86 -14.66 4.94
CA LYS B 569 -37.86 -13.97 4.13
C LYS B 569 -39.23 -14.69 4.29
N VAL B 570 -39.22 -16.02 4.26
CA VAL B 570 -40.45 -16.81 4.32
C VAL B 570 -40.69 -17.50 5.69
N GLY B 571 -39.73 -18.33 6.12
CA GLY B 571 -39.93 -19.11 7.33
C GLY B 571 -38.67 -19.27 8.15
N ILE B 572 -38.89 -19.51 9.46
CA ILE B 572 -37.82 -19.74 10.44
C ILE B 572 -38.24 -20.82 11.44
N LEU B 573 -37.33 -21.72 11.75
CA LEU B 573 -37.55 -22.71 12.79
C LEU B 573 -36.49 -22.34 13.83
N CYS B 574 -36.90 -22.00 15.05
CA CYS B 574 -35.97 -21.65 16.12
C CYS B 574 -35.98 -22.72 17.20
N ILE B 575 -34.87 -23.49 17.35
CA ILE B 575 -34.75 -24.48 18.41
C ILE B 575 -34.01 -23.73 19.49
N MET B 576 -34.74 -23.34 20.57
CA MET B 576 -34.29 -22.49 21.67
C MET B 576 -33.80 -23.22 22.91
N SER B 577 -32.77 -22.64 23.53
CA SER B 577 -32.14 -23.09 24.77
C SER B 577 -32.58 -22.19 25.95
N ASP B 578 -32.80 -20.89 25.69
CA ASP B 578 -33.16 -19.82 26.61
C ASP B 578 -34.68 -19.65 26.76
N ARG B 579 -35.25 -19.82 27.98
CA ARG B 579 -36.68 -19.62 28.22
C ARG B 579 -37.10 -18.16 27.96
N ASP B 580 -36.18 -17.20 28.21
CA ASP B 580 -36.35 -15.75 28.01
C ASP B 580 -36.66 -15.44 26.50
N LEU B 581 -35.66 -15.63 25.60
CA LEU B 581 -35.78 -15.38 24.18
C LEU B 581 -36.82 -16.30 23.52
N TYR B 582 -37.02 -17.52 24.04
CA TYR B 582 -38.07 -18.40 23.51
C TYR B 582 -39.46 -17.74 23.79
N ASP B 583 -39.68 -17.22 25.01
CA ASP B 583 -40.93 -16.55 25.41
C ASP B 583 -41.13 -15.19 24.69
N LYS B 584 -40.02 -14.55 24.22
CA LYS B 584 -40.04 -13.29 23.45
C LYS B 584 -40.35 -13.55 21.97
N LEU B 585 -40.11 -14.79 21.45
CA LEU B 585 -40.40 -15.09 20.05
C LEU B 585 -41.94 -15.17 19.79
N GLN B 586 -42.45 -14.33 18.86
CA GLN B 586 -43.87 -14.33 18.51
C GLN B 586 -44.08 -15.28 17.34
N PHE B 587 -43.75 -16.54 17.58
CA PHE B 587 -43.80 -17.64 16.61
C PHE B 587 -44.76 -18.71 17.10
N THR B 588 -45.22 -19.57 16.19
CA THR B 588 -46.07 -20.71 16.50
C THR B 588 -45.17 -21.74 17.26
N SER B 589 -45.54 -22.17 18.46
CA SER B 589 -44.74 -23.16 19.19
C SER B 589 -44.99 -24.61 18.69
N LEU B 590 -43.92 -25.42 18.66
CA LEU B 590 -43.97 -26.83 18.27
C LEU B 590 -43.63 -27.69 19.49
N GLU B 591 -44.23 -28.90 19.62
CA GLU B 591 -43.94 -29.78 20.76
C GLU B 591 -42.68 -30.66 20.52
N ILE B 592 -42.07 -31.20 21.61
CA ILE B 592 -40.88 -32.05 21.50
C ILE B 592 -41.25 -33.53 21.33
N PRO B 593 -40.70 -34.18 20.28
CA PRO B 593 -41.00 -35.61 20.04
C PRO B 593 -40.34 -36.58 21.03
#